data_7YP4
#
_entry.id   7YP4
#
_cell.length_a   66.370
_cell.length_b   131.210
_cell.length_c   225.290
_cell.angle_alpha   90.000
_cell.angle_beta   90.000
_cell.angle_gamma   90.000
#
_symmetry.space_group_name_H-M   'P 21 2 2'
#
loop_
_entity.id
_entity.type
_entity.pdbx_description
1 polymer Glycosyltransferase
2 non-polymer R-1,2-PROPANEDIOL
3 water water
#
_entity_poly.entity_id   1
_entity_poly.type   'polypeptide(L)'
_entity_poly.pdbx_seq_one_letter_code
;MGSSHHHHHHSSGLVPRGSHMRILFATVSEKSHLFTMVPLAWSLAAAGHEVHVASNPALTASIKSTGLTAVPVGKDHNLH
EMLTENRDSLENPLSDWSTPELDRHSWEQVLMKFKVSVMFAYQTYNDCMVHELVDYARHWQPDLVIWDPVTYAGPVAARV
VGAAHARLLWCIDIYAKMREVFLARLAEQPEERREDPMADWLGGILGRYGHTFDEEVVVGQWTIDQIPTSLQLPLSLRRV
PVRYLPHNGPSEIPDWLREAPGRPRVVLTSGVSARAALGGTFMPVADMINTLGSMDIDVVAALPPEEVEALEKVPANTRI
VDFVPLHALLPGASVLIHHGGFGSWGTALVNGVPQFIPTIRYADWWNKGTSLHEAGAGLVVHASELTAEVLRESVERLVE
DASYREAAERLREENQRTPTPHDVVPVIEELTAEHGR
;
_entity_poly.pdbx_strand_id   A,B,C
#
loop_
_chem_comp.id
_chem_comp.type
_chem_comp.name
_chem_comp.formula
PGR non-polymer R-1,2-PROPANEDIOL 'C3 H8 O2'
#
# COMPACT_ATOMS: atom_id res chain seq x y z
N SER A 19 -0.67 31.10 -2.78
CA SER A 19 -1.63 31.03 -1.65
C SER A 19 -1.71 29.61 -1.07
N HIS A 20 -2.60 29.51 -0.06
CA HIS A 20 -2.72 28.35 0.82
C HIS A 20 -3.42 27.20 0.09
N MET A 21 -2.78 26.01 0.08
CA MET A 21 -3.27 24.88 -0.71
C MET A 21 -3.77 23.78 0.22
N ARG A 22 -4.71 22.99 -0.30
CA ARG A 22 -5.01 21.67 0.25
C ARG A 22 -4.29 20.64 -0.60
N ILE A 23 -3.47 19.81 0.06
CA ILE A 23 -2.61 18.87 -0.63
C ILE A 23 -2.94 17.48 -0.09
N LEU A 24 -3.32 16.59 -1.00
CA LEU A 24 -3.67 15.22 -0.66
C LEU A 24 -2.55 14.29 -1.10
N PHE A 25 -1.91 13.63 -0.14
CA PHE A 25 -0.97 12.56 -0.42
C PHE A 25 -1.76 11.27 -0.50
N ALA A 26 -1.43 10.43 -1.50
CA ALA A 26 -2.03 9.11 -1.65
C ALA A 26 -0.95 8.06 -1.80
N THR A 27 -1.09 7.00 -0.99
CA THR A 27 -0.19 5.85 -1.06
C THR A 27 -0.96 4.56 -0.80
N VAL A 28 -0.46 3.51 -1.47
CA VAL A 28 -0.81 2.13 -1.17
C VAL A 28 -0.47 1.88 0.28
N SER A 29 -1.09 0.83 0.87
CA SER A 29 -0.97 0.57 2.29
C SER A 29 0.32 -0.18 2.60
N GLU A 30 1.46 0.43 2.28
CA GLU A 30 2.77 -0.07 2.68
C GLU A 30 3.45 1.02 3.51
N LYS A 31 3.82 0.71 4.75
CA LYS A 31 4.56 1.66 5.57
C LYS A 31 5.86 2.08 4.86
N SER A 32 6.53 1.16 4.16
CA SER A 32 7.79 1.44 3.51
C SER A 32 7.62 2.54 2.46
N HIS A 33 6.50 2.50 1.72
CA HIS A 33 6.18 3.53 0.74
C HIS A 33 5.82 4.85 1.43
N LEU A 34 4.94 4.78 2.43
CA LEU A 34 4.51 5.95 3.19
C LEU A 34 5.71 6.75 3.70
N PHE A 35 6.68 6.07 4.32
CA PHE A 35 7.78 6.75 4.98
C PHE A 35 8.62 7.55 3.98
N THR A 36 8.65 7.15 2.70
CA THR A 36 9.40 7.88 1.69
C THR A 36 8.77 9.25 1.40
N MET A 37 7.49 9.43 1.77
CA MET A 37 6.74 10.61 1.38
C MET A 37 6.70 11.65 2.51
N VAL A 38 7.14 11.26 3.72
CA VAL A 38 6.84 12.04 4.91
C VAL A 38 7.61 13.36 4.90
N PRO A 39 8.92 13.42 4.58
CA PRO A 39 9.61 14.70 4.58
C PRO A 39 9.02 15.71 3.60
N LEU A 40 8.59 15.27 2.40
CA LEU A 40 8.02 16.22 1.46
C LEU A 40 6.67 16.72 1.97
N ALA A 41 5.85 15.80 2.50
CA ALA A 41 4.58 16.16 3.10
C ALA A 41 4.77 17.22 4.18
N TRP A 42 5.72 17.01 5.08
CA TRP A 42 6.00 17.95 6.16
C TRP A 42 6.58 19.26 5.63
N SER A 43 7.36 19.23 4.54
CA SER A 43 7.89 20.46 3.98
C SER A 43 6.73 21.37 3.55
N LEU A 44 5.69 20.77 2.99
CA LEU A 44 4.57 21.52 2.46
C LEU A 44 3.69 22.02 3.61
N ALA A 45 3.50 21.19 4.63
CA ALA A 45 2.77 21.56 5.83
C ALA A 45 3.48 22.73 6.53
N ALA A 46 4.82 22.70 6.55
CA ALA A 46 5.59 23.72 7.24
C ALA A 46 5.50 25.07 6.51
N ALA A 47 5.14 25.03 5.22
CA ALA A 47 4.94 26.25 4.44
C ALA A 47 3.50 26.74 4.53
N GLY A 48 2.68 26.12 5.39
CA GLY A 48 1.36 26.62 5.68
C GLY A 48 0.22 25.90 4.96
N HIS A 49 0.56 24.91 4.11
CA HIS A 49 -0.46 24.16 3.39
C HIS A 49 -1.07 23.09 4.28
N GLU A 50 -2.33 22.73 4.00
CA GLU A 50 -2.98 21.63 4.69
C GLU A 50 -2.64 20.33 3.96
N VAL A 51 -2.11 19.36 4.70
CA VAL A 51 -1.62 18.14 4.08
C VAL A 51 -2.31 16.96 4.75
N HIS A 52 -3.07 16.20 3.95
CA HIS A 52 -3.72 14.99 4.41
C HIS A 52 -3.19 13.81 3.62
N VAL A 53 -3.01 12.70 4.32
CA VAL A 53 -2.41 11.50 3.75
C VAL A 53 -3.47 10.40 3.77
N ALA A 54 -3.85 9.95 2.56
CA ALA A 54 -4.88 8.95 2.39
C ALA A 54 -4.28 7.59 2.02
N SER A 55 -4.79 6.56 2.69
CA SER A 55 -4.51 5.16 2.35
C SER A 55 -5.60 4.29 2.98
N ASN A 56 -5.50 2.97 2.75
CA ASN A 56 -6.39 1.97 3.31
C ASN A 56 -6.32 2.02 4.83
N PRO A 57 -7.40 1.61 5.56
CA PRO A 57 -7.43 1.77 7.02
C PRO A 57 -6.27 1.11 7.77
N ALA A 58 -5.70 0.02 7.24
CA ALA A 58 -4.60 -0.66 7.88
C ALA A 58 -3.40 0.27 8.11
N LEU A 59 -3.25 1.32 7.29
CA LEU A 59 -2.08 2.19 7.36
C LEU A 59 -2.33 3.43 8.23
N THR A 60 -3.55 3.62 8.74
CA THR A 60 -3.90 4.79 9.54
C THR A 60 -2.96 4.91 10.73
N ALA A 61 -2.63 3.82 11.46
CA ALA A 61 -1.80 3.94 12.63
C ALA A 61 -0.42 4.48 12.23
N SER A 62 0.12 3.96 11.12
CA SER A 62 1.43 4.39 10.64
C SER A 62 1.40 5.87 10.27
N ILE A 63 0.35 6.33 9.58
CA ILE A 63 0.28 7.73 9.19
C ILE A 63 0.29 8.61 10.43
N LYS A 64 -0.47 8.22 11.45
CA LYS A 64 -0.66 9.03 12.65
C LYS A 64 0.65 9.22 13.42
N SER A 65 1.56 8.23 13.35
CA SER A 65 2.87 8.32 13.98
C SER A 65 3.88 9.16 13.18
N THR A 66 3.49 9.69 12.02
CA THR A 66 4.36 10.59 11.26
C THR A 66 4.11 12.05 11.62
N GLY A 67 3.09 12.31 12.45
CA GLY A 67 2.66 13.67 12.74
C GLY A 67 1.65 14.20 11.72
N LEU A 68 1.44 13.48 10.62
CA LEU A 68 0.57 13.95 9.54
C LEU A 68 -0.85 13.44 9.77
N THR A 69 -1.81 14.19 9.24
CA THR A 69 -3.22 13.84 9.34
C THR A 69 -3.57 12.69 8.40
N ALA A 70 -4.13 11.62 8.97
CA ALA A 70 -4.53 10.43 8.21
C ALA A 70 -5.97 10.55 7.71
N VAL A 71 -6.21 10.06 6.50
CA VAL A 71 -7.56 9.91 5.95
C VAL A 71 -7.74 8.46 5.53
N PRO A 72 -8.35 7.59 6.36
CA PRO A 72 -8.62 6.21 5.95
C PRO A 72 -9.64 6.18 4.81
N VAL A 73 -9.33 5.44 3.73
CA VAL A 73 -10.22 5.35 2.59
C VAL A 73 -10.36 3.87 2.20
N GLY A 74 -11.60 3.49 1.90
CA GLY A 74 -11.90 2.19 1.33
C GLY A 74 -11.67 1.06 2.33
N LYS A 75 -11.31 -0.11 1.80
CA LYS A 75 -11.17 -1.31 2.62
C LYS A 75 -9.79 -1.90 2.37
N ASP A 76 -9.37 -2.79 3.27
CA ASP A 76 -8.10 -3.47 3.17
C ASP A 76 -8.19 -4.60 2.13
N HIS A 77 -7.03 -4.94 1.54
CA HIS A 77 -6.97 -5.73 0.32
C HIS A 77 -6.30 -7.06 0.66
N ASN A 78 -6.22 -7.95 -0.34
CA ASN A 78 -5.79 -9.34 -0.14
C ASN A 78 -4.48 -9.59 -0.87
N LEU A 79 -3.65 -8.55 -1.06
CA LEU A 79 -2.41 -8.76 -1.81
C LEU A 79 -1.55 -9.83 -1.13
N HIS A 80 -1.48 -9.84 0.20
CA HIS A 80 -0.63 -10.73 0.96
C HIS A 80 -1.03 -12.20 0.78
N GLU A 81 -2.34 -12.46 0.83
CA GLU A 81 -2.88 -13.79 0.62
C GLU A 81 -2.66 -14.18 -0.85
N SER A 89 6.42 -17.00 -5.95
CA SER A 89 6.12 -16.66 -7.36
C SER A 89 6.67 -15.27 -7.67
N LEU A 90 7.55 -14.71 -6.80
CA LEU A 90 7.80 -13.26 -6.76
C LEU A 90 8.62 -12.82 -7.97
N GLU A 91 9.82 -13.41 -8.13
CA GLU A 91 10.62 -13.14 -9.30
C GLU A 91 10.30 -14.18 -10.37
N ASN A 92 9.60 -13.73 -11.42
CA ASN A 92 9.46 -14.49 -12.66
C ASN A 92 9.54 -13.51 -13.83
N PRO A 93 9.73 -13.94 -15.08
CA PRO A 93 9.99 -13.00 -16.18
C PRO A 93 8.96 -11.89 -16.36
N LEU A 94 7.69 -12.14 -16.04
CA LEU A 94 6.62 -11.16 -16.24
C LEU A 94 6.58 -10.08 -15.15
N SER A 95 7.22 -10.36 -14.00
CA SER A 95 7.32 -9.40 -12.92
C SER A 95 8.66 -8.66 -12.95
N ASP A 96 9.50 -8.98 -13.95
CA ASP A 96 10.85 -8.45 -14.03
C ASP A 96 10.81 -7.20 -14.90
N TRP A 97 10.80 -6.03 -14.25
CA TRP A 97 10.89 -4.77 -14.96
C TRP A 97 12.28 -4.16 -14.82
N SER A 98 13.29 -4.99 -14.50
CA SER A 98 14.63 -4.53 -14.17
C SER A 98 15.40 -4.06 -15.40
N THR A 99 15.01 -4.50 -16.61
CA THR A 99 15.69 -4.10 -17.83
C THR A 99 14.67 -3.56 -18.84
N PRO A 100 14.03 -2.40 -18.56
CA PRO A 100 12.99 -1.87 -19.45
C PRO A 100 13.59 -1.21 -20.70
N GLU A 101 13.93 -2.06 -21.69
CA GLU A 101 14.57 -1.63 -22.92
C GLU A 101 13.81 -2.21 -24.12
N LEU A 102 13.69 -1.40 -25.19
CA LEU A 102 13.11 -1.83 -26.46
C LEU A 102 13.72 -3.14 -26.92
N ASP A 103 15.06 -3.20 -26.89
CA ASP A 103 15.85 -4.35 -27.31
C ASP A 103 15.38 -5.65 -26.66
N ARG A 104 14.74 -5.57 -25.49
CA ARG A 104 14.45 -6.77 -24.72
C ARG A 104 12.95 -7.03 -24.68
N HIS A 105 12.15 -6.23 -25.42
CA HIS A 105 10.70 -6.30 -25.35
C HIS A 105 10.12 -6.21 -26.75
N SER A 106 9.55 -7.33 -27.23
CA SER A 106 8.56 -7.31 -28.29
C SER A 106 7.32 -6.60 -27.79
N TRP A 107 6.42 -6.24 -28.70
CA TRP A 107 5.12 -5.72 -28.34
C TRP A 107 4.41 -6.65 -27.35
N GLU A 108 4.42 -7.95 -27.65
CA GLU A 108 3.59 -8.85 -26.88
C GLU A 108 4.22 -9.08 -25.50
N GLN A 109 5.55 -8.96 -25.39
CA GLN A 109 6.21 -9.11 -24.11
C GLN A 109 5.88 -7.92 -23.18
N VAL A 110 5.98 -6.70 -23.70
CA VAL A 110 5.72 -5.52 -22.89
C VAL A 110 4.23 -5.41 -22.59
N LEU A 111 3.37 -5.74 -23.57
CA LEU A 111 1.93 -5.72 -23.33
C LEU A 111 1.59 -6.69 -22.19
N MET A 112 2.18 -7.88 -22.24
CA MET A 112 1.87 -8.90 -21.26
C MET A 112 2.33 -8.45 -19.86
N LYS A 113 3.45 -7.73 -19.77
CA LYS A 113 3.94 -7.20 -18.51
C LYS A 113 2.95 -6.21 -17.91
N PHE A 114 2.41 -5.31 -18.75
CA PHE A 114 1.41 -4.36 -18.29
C PHE A 114 0.12 -5.07 -17.90
N LYS A 115 -0.28 -6.10 -18.64
CA LYS A 115 -1.53 -6.80 -18.33
C LYS A 115 -1.42 -7.45 -16.95
N VAL A 116 -0.30 -8.12 -16.69
CA VAL A 116 -0.15 -8.87 -15.46
C VAL A 116 0.09 -7.94 -14.27
N SER A 117 0.84 -6.84 -14.46
CA SER A 117 1.12 -5.91 -13.38
C SER A 117 -0.16 -5.16 -12.98
N VAL A 118 -0.97 -4.77 -13.98
CA VAL A 118 -2.27 -4.16 -13.70
C VAL A 118 -3.18 -5.14 -12.95
N MET A 119 -3.31 -6.37 -13.45
CA MET A 119 -4.22 -7.35 -12.89
C MET A 119 -3.80 -7.73 -11.48
N PHE A 120 -2.53 -8.05 -11.29
CA PHE A 120 -2.10 -8.63 -10.02
C PHE A 120 -1.76 -7.56 -8.98
N ALA A 121 -0.95 -6.55 -9.34
CA ALA A 121 -0.43 -5.63 -8.35
C ALA A 121 -1.28 -4.36 -8.26
N TYR A 122 -1.41 -3.65 -9.38
CA TYR A 122 -1.92 -2.28 -9.33
C TYR A 122 -3.40 -2.27 -8.91
N GLN A 123 -4.19 -3.21 -9.46
CA GLN A 123 -5.61 -3.25 -9.15
C GLN A 123 -5.81 -3.70 -7.71
N THR A 124 -5.05 -4.70 -7.24
CA THR A 124 -5.18 -5.15 -5.88
C THR A 124 -4.90 -4.00 -4.91
N TYR A 125 -3.83 -3.25 -5.16
CA TYR A 125 -3.40 -2.15 -4.30
C TYR A 125 -4.41 -1.01 -4.28
N ASN A 126 -5.05 -0.75 -5.42
CA ASN A 126 -5.75 0.51 -5.66
C ASN A 126 -7.28 0.38 -5.72
N ASP A 127 -7.84 -0.73 -6.24
CA ASP A 127 -9.28 -0.77 -6.52
C ASP A 127 -10.07 -0.77 -5.20
N CYS A 128 -9.45 -1.30 -4.14
CA CYS A 128 -10.05 -1.34 -2.80
C CYS A 128 -10.29 0.07 -2.22
N MET A 129 -9.74 1.14 -2.84
CA MET A 129 -9.87 2.44 -2.22
C MET A 129 -10.12 3.56 -3.23
N VAL A 130 -10.06 3.28 -4.52
CA VAL A 130 -10.06 4.34 -5.52
C VAL A 130 -11.35 5.17 -5.47
N HIS A 131 -12.51 4.51 -5.30
CA HIS A 131 -13.79 5.20 -5.34
C HIS A 131 -13.97 6.08 -4.11
N GLU A 132 -13.54 5.56 -2.96
CA GLU A 132 -13.56 6.31 -1.71
C GLU A 132 -12.58 7.49 -1.75
N LEU A 133 -11.47 7.34 -2.47
CA LEU A 133 -10.51 8.41 -2.62
C LEU A 133 -11.07 9.50 -3.54
N VAL A 134 -11.75 9.10 -4.62
CA VAL A 134 -12.40 10.07 -5.49
C VAL A 134 -13.44 10.87 -4.70
N ASP A 135 -14.21 10.18 -3.85
CA ASP A 135 -15.23 10.77 -3.01
C ASP A 135 -14.61 11.81 -2.09
N TYR A 136 -13.53 11.41 -1.39
CA TYR A 136 -12.87 12.33 -0.47
C TYR A 136 -12.35 13.55 -1.23
N ALA A 137 -11.76 13.33 -2.42
CA ALA A 137 -11.24 14.43 -3.21
C ALA A 137 -12.36 15.38 -3.61
N ARG A 138 -13.54 14.82 -3.92
CA ARG A 138 -14.69 15.64 -4.28
C ARG A 138 -15.13 16.50 -3.10
N HIS A 139 -15.20 15.92 -1.91
CA HIS A 139 -15.51 16.66 -0.70
C HIS A 139 -14.46 17.73 -0.38
N TRP A 140 -13.17 17.37 -0.37
CA TRP A 140 -12.13 18.21 0.21
C TRP A 140 -11.58 19.20 -0.83
N GLN A 141 -11.65 18.81 -2.10
CA GLN A 141 -11.22 19.67 -3.21
C GLN A 141 -9.75 20.05 -3.07
N PRO A 142 -8.82 19.07 -3.03
CA PRO A 142 -7.40 19.39 -2.99
C PRO A 142 -7.01 20.15 -4.25
N ASP A 143 -6.06 21.08 -4.09
CA ASP A 143 -5.46 21.75 -5.22
C ASP A 143 -4.43 20.85 -5.90
N LEU A 144 -3.87 19.90 -5.13
CA LEU A 144 -2.73 19.10 -5.55
C LEU A 144 -2.83 17.73 -4.91
N VAL A 145 -2.56 16.70 -5.70
CA VAL A 145 -2.44 15.33 -5.19
C VAL A 145 -1.03 14.84 -5.48
N ILE A 146 -0.33 14.39 -4.44
CA ILE A 146 0.98 13.80 -4.62
C ILE A 146 0.87 12.31 -4.31
N TRP A 147 1.27 11.50 -5.30
CA TRP A 147 1.00 10.06 -5.22
C TRP A 147 2.28 9.25 -5.32
N ASP A 148 2.32 8.22 -4.47
CA ASP A 148 3.28 7.14 -4.58
C ASP A 148 3.19 6.54 -5.98
N PRO A 149 4.29 6.16 -6.64
CA PRO A 149 4.28 5.89 -8.09
C PRO A 149 3.48 4.69 -8.58
N VAL A 150 3.06 3.79 -7.69
CA VAL A 150 2.15 2.71 -8.08
C VAL A 150 0.76 2.90 -7.47
N THR A 151 0.48 4.11 -6.93
CA THR A 151 -0.80 4.42 -6.33
C THR A 151 -1.63 5.22 -7.35
N TYR A 152 -2.08 4.51 -8.38
CA TYR A 152 -2.78 5.11 -9.52
C TYR A 152 -4.16 5.64 -9.12
N ALA A 153 -4.70 5.22 -7.96
CA ALA A 153 -5.91 5.84 -7.40
C ALA A 153 -5.73 7.34 -7.28
N GLY A 154 -4.49 7.78 -6.99
CA GLY A 154 -4.17 9.17 -6.74
C GLY A 154 -4.47 10.07 -7.94
N PRO A 155 -3.85 9.84 -9.11
CA PRO A 155 -4.11 10.69 -10.27
C PRO A 155 -5.55 10.61 -10.80
N VAL A 156 -6.23 9.48 -10.56
CA VAL A 156 -7.64 9.36 -10.91
C VAL A 156 -8.44 10.38 -10.10
N ALA A 157 -8.28 10.33 -8.77
CA ALA A 157 -8.95 11.26 -7.88
C ALA A 157 -8.61 12.71 -8.22
N ALA A 158 -7.33 12.98 -8.54
CA ALA A 158 -6.92 14.33 -8.90
C ALA A 158 -7.67 14.80 -10.15
N ARG A 159 -7.66 13.95 -11.18
CA ARG A 159 -8.21 14.33 -12.47
C ARG A 159 -9.71 14.61 -12.34
N VAL A 160 -10.41 13.79 -11.56
CA VAL A 160 -11.83 13.97 -11.35
C VAL A 160 -12.13 15.37 -10.82
N VAL A 161 -11.26 15.94 -9.95
CA VAL A 161 -11.54 17.23 -9.34
C VAL A 161 -10.68 18.35 -9.96
N GLY A 162 -9.93 18.03 -11.04
CA GLY A 162 -9.13 19.02 -11.72
C GLY A 162 -7.85 19.43 -10.97
N ALA A 163 -7.47 18.68 -9.92
CA ALA A 163 -6.29 19.02 -9.14
C ALA A 163 -5.03 18.78 -9.99
N ALA A 164 -3.97 19.57 -9.72
CA ALA A 164 -2.65 19.19 -10.18
C ALA A 164 -2.23 17.89 -9.49
N HIS A 165 -1.31 17.14 -10.09
CA HIS A 165 -0.85 15.92 -9.45
C HIS A 165 0.52 15.51 -9.97
N ALA A 166 1.29 14.91 -9.07
CA ALA A 166 2.68 14.55 -9.35
C ALA A 166 3.02 13.25 -8.60
N ARG A 167 3.86 12.44 -9.24
CA ARG A 167 4.43 11.28 -8.57
C ARG A 167 5.55 11.77 -7.64
N LEU A 168 5.69 11.08 -6.50
CA LEU A 168 6.87 11.23 -5.66
C LEU A 168 7.58 9.87 -5.60
N LEU A 169 8.82 9.85 -6.14
CA LEU A 169 9.53 8.61 -6.44
C LEU A 169 10.47 8.19 -5.30
N TRP A 170 10.30 6.93 -4.91
CA TRP A 170 11.29 6.19 -4.12
C TRP A 170 12.12 5.28 -5.05
N CYS A 171 11.77 5.26 -6.34
CA CYS A 171 12.17 4.19 -7.22
C CYS A 171 13.07 4.69 -8.35
N ILE A 172 14.03 3.85 -8.73
CA ILE A 172 14.57 3.90 -10.07
C ILE A 172 13.39 3.67 -11.00
N ASP A 173 13.20 4.57 -11.98
CA ASP A 173 11.89 4.78 -12.57
C ASP A 173 11.61 3.78 -13.71
N ILE A 174 11.61 2.50 -13.34
CA ILE A 174 11.31 1.41 -14.25
C ILE A 174 9.87 1.51 -14.73
N TYR A 175 9.00 2.15 -13.94
CA TYR A 175 7.59 2.25 -14.28
C TYR A 175 7.41 3.14 -15.51
N ALA A 176 7.97 4.36 -15.48
CA ALA A 176 7.82 5.29 -16.59
C ALA A 176 8.67 4.82 -17.77
N LYS A 177 9.76 4.13 -17.50
CA LYS A 177 10.62 3.64 -18.57
C LYS A 177 9.94 2.48 -19.30
N MET A 178 9.34 1.53 -18.57
CA MET A 178 8.59 0.45 -19.18
C MET A 178 7.41 1.02 -19.96
N ARG A 179 6.81 2.10 -19.46
CA ARG A 179 5.71 2.73 -20.18
C ARG A 179 6.19 3.32 -21.50
N GLU A 180 7.39 3.90 -21.51
CA GLU A 180 7.98 4.44 -22.73
C GLU A 180 8.16 3.32 -23.75
N VAL A 181 8.68 2.16 -23.31
CA VAL A 181 8.85 1.00 -24.17
C VAL A 181 7.48 0.59 -24.72
N PHE A 182 6.49 0.50 -23.82
CA PHE A 182 5.14 0.13 -24.18
C PHE A 182 4.60 1.06 -25.28
N LEU A 183 4.75 2.38 -25.12
CA LEU A 183 4.18 3.33 -26.06
C LEU A 183 4.89 3.29 -27.42
N ALA A 184 6.20 3.01 -27.41
CA ALA A 184 6.95 2.86 -28.65
C ALA A 184 6.42 1.67 -29.46
N ARG A 185 6.16 0.55 -28.77
CA ARG A 185 5.67 -0.65 -29.42
C ARG A 185 4.21 -0.48 -29.84
N LEU A 186 3.40 0.21 -29.03
CA LEU A 186 2.02 0.49 -29.35
C LEU A 186 1.92 1.22 -30.68
N ALA A 187 2.81 2.21 -30.88
CA ALA A 187 2.80 3.05 -32.07
C ALA A 187 3.13 2.25 -33.33
N GLU A 188 3.82 1.11 -33.19
CA GLU A 188 4.16 0.23 -34.31
C GLU A 188 2.99 -0.67 -34.72
N GLN A 189 1.90 -0.71 -33.96
CA GLN A 189 0.85 -1.67 -34.23
C GLN A 189 -0.21 -1.05 -35.14
N PRO A 190 -0.87 -1.85 -36.01
CA PRO A 190 -2.05 -1.38 -36.73
C PRO A 190 -3.15 -1.07 -35.72
N GLU A 191 -4.08 -0.21 -36.14
CA GLU A 191 -5.18 0.30 -35.32
C GLU A 191 -5.92 -0.85 -34.61
N GLU A 192 -6.13 -1.96 -35.31
CA GLU A 192 -6.95 -3.07 -34.83
C GLU A 192 -6.26 -3.77 -33.64
N ARG A 193 -4.92 -3.74 -33.63
CA ARG A 193 -4.11 -4.49 -32.69
C ARG A 193 -3.69 -3.61 -31.51
N ARG A 194 -4.17 -2.35 -31.46
CA ARG A 194 -3.94 -1.47 -30.32
C ARG A 194 -4.68 -1.95 -29.08
N GLU A 195 -3.95 -2.09 -27.96
CA GLU A 195 -4.55 -2.43 -26.68
C GLU A 195 -3.72 -1.81 -25.56
N ASP A 196 -4.38 -1.29 -24.51
CA ASP A 196 -3.67 -0.65 -23.42
C ASP A 196 -4.37 -1.00 -22.11
N PRO A 197 -3.85 -1.98 -21.35
CA PRO A 197 -4.46 -2.42 -20.08
C PRO A 197 -4.59 -1.30 -19.04
N MET A 198 -3.66 -0.33 -19.08
CA MET A 198 -3.63 0.78 -18.15
C MET A 198 -4.76 1.75 -18.49
N ALA A 199 -4.90 2.07 -19.79
CA ALA A 199 -6.00 2.89 -20.28
C ALA A 199 -7.35 2.23 -20.06
N ASP A 200 -7.46 0.92 -20.30
CA ASP A 200 -8.73 0.22 -20.07
C ASP A 200 -9.12 0.34 -18.59
N TRP A 201 -8.18 0.03 -17.71
CA TRP A 201 -8.44 0.02 -16.28
C TRP A 201 -8.74 1.43 -15.76
N LEU A 202 -7.81 2.35 -15.96
CA LEU A 202 -7.92 3.67 -15.35
C LEU A 202 -8.91 4.54 -16.13
N GLY A 203 -8.90 4.40 -17.47
CA GLY A 203 -9.87 5.09 -18.32
C GLY A 203 -11.30 4.63 -18.04
N GLY A 204 -11.47 3.33 -17.77
CA GLY A 204 -12.74 2.79 -17.33
C GLY A 204 -13.28 3.50 -16.09
N ILE A 205 -12.41 3.61 -15.06
CA ILE A 205 -12.81 4.25 -13.82
C ILE A 205 -13.09 5.75 -14.05
N LEU A 206 -12.20 6.40 -14.79
CA LEU A 206 -12.36 7.82 -15.08
C LEU A 206 -13.66 8.08 -15.85
N GLY A 207 -13.98 7.18 -16.81
CA GLY A 207 -15.18 7.25 -17.62
C GLY A 207 -16.45 7.28 -16.76
N ARG A 208 -16.52 6.42 -15.75
CA ARG A 208 -17.65 6.39 -14.83
C ARG A 208 -17.87 7.74 -14.13
N TYR A 209 -16.84 8.62 -14.03
CA TYR A 209 -17.00 9.92 -13.42
C TYR A 209 -17.02 11.02 -14.49
N GLY A 210 -17.12 10.60 -15.74
CA GLY A 210 -17.26 11.54 -16.84
C GLY A 210 -15.94 12.16 -17.27
N HIS A 211 -14.81 11.48 -17.04
CA HIS A 211 -13.52 12.03 -17.41
C HIS A 211 -12.80 11.08 -18.35
N THR A 212 -11.88 11.69 -19.09
CA THR A 212 -11.09 11.04 -20.12
C THR A 212 -9.86 10.38 -19.49
N PHE A 213 -9.30 9.35 -20.12
CA PHE A 213 -7.95 8.91 -19.78
C PHE A 213 -6.96 9.84 -20.50
N ASP A 214 -5.82 10.07 -19.86
CA ASP A 214 -4.68 10.75 -20.46
C ASP A 214 -3.42 10.13 -19.89
N GLU A 215 -2.34 10.18 -20.66
CA GLU A 215 -1.07 9.54 -20.31
C GLU A 215 -0.53 10.14 -18.99
N GLU A 216 -0.97 11.35 -18.63
CA GLU A 216 -0.42 11.97 -17.45
C GLU A 216 -0.92 11.27 -16.18
N VAL A 217 -1.96 10.43 -16.26
CA VAL A 217 -2.42 9.65 -15.12
C VAL A 217 -1.48 8.46 -14.87
N VAL A 218 -0.58 8.18 -15.82
CA VAL A 218 0.36 7.08 -15.68
C VAL A 218 1.70 7.56 -15.10
N VAL A 219 2.11 8.79 -15.41
CA VAL A 219 3.42 9.29 -15.00
C VAL A 219 3.34 10.62 -14.24
N GLY A 220 2.12 11.12 -13.99
CA GLY A 220 1.92 12.39 -13.32
C GLY A 220 2.11 13.57 -14.27
N GLN A 221 1.65 14.76 -13.87
CA GLN A 221 1.89 15.97 -14.60
C GLN A 221 3.36 16.36 -14.46
N TRP A 222 3.94 16.06 -13.29
CA TRP A 222 5.39 16.08 -13.14
C TRP A 222 5.77 15.01 -12.12
N THR A 223 7.08 14.78 -12.04
CA THR A 223 7.67 13.72 -11.24
C THR A 223 8.63 14.38 -10.25
N ILE A 224 8.36 14.22 -8.94
CA ILE A 224 9.28 14.63 -7.89
C ILE A 224 10.13 13.41 -7.55
N ASP A 225 11.45 13.52 -7.71
CA ASP A 225 12.31 12.36 -7.74
C ASP A 225 13.37 12.42 -6.64
N GLN A 226 13.36 11.43 -5.76
CA GLN A 226 14.29 11.33 -4.64
C GLN A 226 15.52 10.51 -5.00
N ILE A 227 15.60 9.99 -6.23
CA ILE A 227 16.77 9.27 -6.71
C ILE A 227 17.76 10.28 -7.26
N PRO A 228 19.05 10.25 -6.84
CA PRO A 228 20.09 11.07 -7.44
C PRO A 228 20.12 10.91 -8.96
N THR A 229 20.21 12.04 -9.67
CA THR A 229 20.12 12.06 -11.13
C THR A 229 21.05 11.05 -11.78
N SER A 230 22.29 10.92 -11.26
CA SER A 230 23.28 10.06 -11.87
C SER A 230 22.85 8.60 -11.85
N LEU A 231 21.94 8.21 -10.95
CA LEU A 231 21.55 6.81 -10.81
C LEU A 231 20.16 6.56 -11.38
N GLN A 232 19.52 7.59 -11.95
CA GLN A 232 18.15 7.48 -12.40
C GLN A 232 18.15 7.29 -13.92
N LEU A 233 17.13 6.56 -14.43
CA LEU A 233 16.95 6.36 -15.85
C LEU A 233 16.44 7.65 -16.48
N PRO A 234 17.07 8.10 -17.60
CA PRO A 234 16.61 9.30 -18.30
C PRO A 234 15.27 9.04 -19.01
N LEU A 235 14.37 10.03 -18.92
CA LEU A 235 12.99 9.90 -19.37
C LEU A 235 12.54 11.25 -19.91
N SER A 236 11.46 11.24 -20.70
CA SER A 236 10.79 12.46 -21.14
C SER A 236 9.66 12.79 -20.18
N LEU A 237 10.04 13.43 -19.08
CA LEU A 237 9.10 13.79 -18.04
C LEU A 237 9.46 15.20 -17.57
N ARG A 238 8.51 15.94 -16.97
CA ARG A 238 8.88 17.10 -16.16
C ARG A 238 9.40 16.58 -14.82
N ARG A 239 10.71 16.72 -14.55
CA ARG A 239 11.35 16.06 -13.42
C ARG A 239 11.84 17.12 -12.43
N VAL A 240 11.40 17.00 -11.17
CA VAL A 240 11.86 17.88 -10.10
C VAL A 240 12.66 17.02 -9.14
N PRO A 241 14.02 17.06 -9.19
CA PRO A 241 14.85 16.36 -8.23
C PRO A 241 14.66 16.95 -6.83
N VAL A 242 14.64 16.09 -5.82
CA VAL A 242 14.53 16.52 -4.44
C VAL A 242 15.41 15.59 -3.60
N ARG A 243 16.04 16.15 -2.56
CA ARG A 243 16.96 15.40 -1.73
C ARG A 243 16.20 14.39 -0.88
N TYR A 244 16.69 13.14 -0.88
CA TYR A 244 16.19 12.15 0.06
C TYR A 244 16.64 12.54 1.48
N LEU A 245 15.66 12.62 2.39
CA LEU A 245 15.88 12.80 3.82
C LEU A 245 15.34 11.54 4.49
N PRO A 246 16.17 10.81 5.26
CA PRO A 246 15.72 9.58 5.89
C PRO A 246 14.51 9.78 6.79
N HIS A 247 13.49 8.96 6.58
CA HIS A 247 12.46 8.76 7.58
C HIS A 247 12.13 7.28 7.54
N ASN A 248 12.37 6.64 8.71
CA ASN A 248 12.33 5.20 8.85
C ASN A 248 11.19 4.84 9.81
N GLY A 249 10.29 5.78 10.08
CA GLY A 249 9.20 5.57 11.00
C GLY A 249 9.57 6.09 12.39
N PRO A 250 8.68 5.87 13.39
CA PRO A 250 8.92 6.31 14.75
C PRO A 250 10.28 5.86 15.30
N SER A 251 11.04 6.78 15.85
CA SER A 251 12.38 6.47 16.29
C SER A 251 12.73 7.19 17.59
N GLU A 252 13.56 6.52 18.40
CA GLU A 252 14.27 7.15 19.51
C GLU A 252 15.72 6.67 19.55
N ILE A 253 16.61 7.55 20.02
CA ILE A 253 18.03 7.25 20.14
C ILE A 253 18.27 6.51 21.46
N PRO A 254 18.79 5.25 21.44
CA PRO A 254 19.04 4.51 22.67
C PRO A 254 20.39 4.87 23.26
N ASP A 255 20.57 4.55 24.57
CA ASP A 255 21.79 4.87 25.32
C ASP A 255 23.01 4.19 24.73
N TRP A 256 22.87 2.95 24.24
CA TRP A 256 24.00 2.14 23.80
C TRP A 256 24.64 2.66 22.51
N LEU A 257 23.93 3.56 21.80
CA LEU A 257 24.41 4.04 20.51
C LEU A 257 25.65 4.93 20.70
N ARG A 258 25.79 5.55 21.87
CA ARG A 258 26.72 6.65 22.10
C ARG A 258 28.17 6.17 21.93
N GLU A 259 28.46 4.88 22.20
CA GLU A 259 29.80 4.31 22.18
C GLU A 259 30.31 3.99 20.76
N ALA A 260 30.95 4.99 20.08
CA ALA A 260 31.36 4.88 18.68
C ALA A 260 32.24 3.63 18.46
N PRO A 261 32.39 3.11 17.22
CA PRO A 261 32.65 1.67 17.01
C PRO A 261 34.12 1.24 17.04
N GLY A 262 34.42 0.13 17.74
CA GLY A 262 35.78 -0.35 17.89
C GLY A 262 36.37 -0.88 16.58
N ARG A 263 35.53 -1.56 15.80
CA ARG A 263 35.93 -2.20 14.57
C ARG A 263 34.82 -1.91 13.56
N PRO A 264 34.97 -2.30 12.26
CA PRO A 264 33.88 -2.14 11.30
C PRO A 264 32.53 -2.55 11.86
N ARG A 265 31.54 -1.64 11.80
CA ARG A 265 30.16 -2.00 12.10
C ARG A 265 29.46 -2.42 10.81
N VAL A 266 28.79 -3.58 10.86
CA VAL A 266 28.00 -4.12 9.76
C VAL A 266 26.55 -4.22 10.24
N VAL A 267 25.63 -3.60 9.48
CA VAL A 267 24.22 -3.61 9.82
C VAL A 267 23.48 -4.48 8.80
N LEU A 268 22.55 -5.30 9.31
CA LEU A 268 21.77 -6.22 8.51
C LEU A 268 20.29 -6.00 8.83
N THR A 269 19.48 -5.65 7.82
CA THR A 269 18.03 -5.61 7.95
C THR A 269 17.38 -6.63 7.05
N SER A 270 16.38 -7.41 7.54
CA SER A 270 15.53 -8.17 6.65
C SER A 270 14.64 -7.16 5.93
N GLY A 271 14.46 -5.95 6.49
CA GLY A 271 13.68 -4.88 5.87
C GLY A 271 12.29 -4.72 6.49
N VAL A 272 11.23 -5.01 5.70
CA VAL A 272 9.84 -5.13 6.15
C VAL A 272 9.23 -6.39 5.49
N SER A 273 10.05 -7.22 4.82
CA SER A 273 9.63 -8.36 4.00
C SER A 273 10.26 -9.63 4.57
N ALA A 274 10.69 -10.55 3.67
CA ALA A 274 11.50 -11.70 4.04
C ALA A 274 10.59 -12.86 4.49
N GLY A 280 11.19 -18.06 1.18
CA GLY A 280 12.54 -18.13 1.79
C GLY A 280 13.30 -19.39 1.35
N THR A 281 13.44 -19.57 0.01
CA THR A 281 14.04 -20.75 -0.61
C THR A 281 15.53 -20.52 -0.91
N PHE A 282 16.13 -19.46 -0.31
CA PHE A 282 17.53 -19.11 -0.42
C PHE A 282 18.10 -18.95 0.99
N MET A 283 19.41 -18.68 1.09
CA MET A 283 20.19 -18.76 2.33
C MET A 283 19.45 -18.12 3.51
N PRO A 284 19.17 -18.87 4.61
CA PRO A 284 18.47 -18.30 5.77
C PRO A 284 19.25 -17.23 6.55
N VAL A 285 18.46 -16.43 7.26
CA VAL A 285 18.93 -15.39 8.17
C VAL A 285 19.91 -15.96 9.20
N ALA A 286 19.61 -17.13 9.75
CA ALA A 286 20.43 -17.76 10.77
C ALA A 286 21.84 -18.06 10.23
N ASP A 287 21.91 -18.49 8.95
CA ASP A 287 23.19 -18.77 8.31
C ASP A 287 24.00 -17.48 8.10
N MET A 288 23.30 -16.38 7.84
CA MET A 288 23.95 -15.10 7.59
C MET A 288 24.55 -14.55 8.88
N ILE A 289 23.80 -14.67 9.98
CA ILE A 289 24.23 -14.24 11.29
C ILE A 289 25.47 -15.02 11.73
N ASN A 290 25.48 -16.33 11.48
CA ASN A 290 26.59 -17.19 11.87
C ASN A 290 27.85 -16.83 11.11
N THR A 291 27.73 -16.57 9.81
CA THR A 291 28.86 -16.11 9.01
C THR A 291 29.44 -14.81 9.57
N LEU A 292 28.55 -13.84 9.79
CA LEU A 292 28.96 -12.52 10.26
C LEU A 292 29.51 -12.62 11.68
N GLY A 293 28.99 -13.58 12.46
CA GLY A 293 29.41 -13.87 13.82
C GLY A 293 30.88 -14.29 13.91
N SER A 294 31.43 -14.86 12.81
CA SER A 294 32.81 -15.34 12.83
C SER A 294 33.79 -14.26 12.37
N MET A 295 33.33 -13.02 12.12
CA MET A 295 34.18 -12.02 11.49
C MET A 295 34.61 -11.00 12.51
N ASP A 296 35.72 -10.27 12.25
CA ASP A 296 36.24 -9.24 13.16
C ASP A 296 35.52 -7.92 12.89
N ILE A 297 34.23 -7.91 13.28
CA ILE A 297 33.33 -6.78 13.08
C ILE A 297 32.35 -6.73 14.24
N ASP A 298 31.65 -5.58 14.35
CA ASP A 298 30.44 -5.44 15.16
C ASP A 298 29.23 -5.57 14.25
N VAL A 299 28.25 -6.40 14.64
CA VAL A 299 27.06 -6.62 13.85
C VAL A 299 25.87 -6.13 14.64
N VAL A 300 25.01 -5.34 13.95
CA VAL A 300 23.68 -5.00 14.45
C VAL A 300 22.68 -5.55 13.45
N ALA A 301 21.79 -6.45 13.93
CA ALA A 301 20.82 -7.11 13.08
C ALA A 301 19.42 -6.71 13.56
N ALA A 302 18.71 -5.98 12.68
CA ALA A 302 17.31 -5.62 12.88
C ALA A 302 16.44 -6.73 12.28
N LEU A 303 15.84 -7.52 13.19
CA LEU A 303 15.16 -8.76 12.85
C LEU A 303 13.78 -8.78 13.50
N PRO A 304 12.82 -9.43 12.80
CA PRO A 304 11.43 -9.55 13.23
C PRO A 304 11.17 -10.72 14.18
N PRO A 305 10.06 -10.68 14.95
CA PRO A 305 9.80 -11.66 16.00
C PRO A 305 10.30 -13.08 15.72
N GLU A 306 9.82 -13.71 14.64
CA GLU A 306 9.96 -15.15 14.49
C GLU A 306 11.36 -15.54 13.99
N GLU A 307 12.04 -14.65 13.25
CA GLU A 307 13.40 -14.95 12.83
C GLU A 307 14.39 -14.66 13.96
N VAL A 308 13.93 -13.96 15.02
CA VAL A 308 14.71 -13.77 16.25
C VAL A 308 14.72 -15.06 17.07
N GLU A 309 13.55 -15.72 17.14
CA GLU A 309 13.42 -17.00 17.81
C GLU A 309 14.20 -18.07 17.05
N ALA A 310 14.28 -17.88 15.72
CA ALA A 310 14.93 -18.79 14.79
C ALA A 310 16.32 -19.22 15.27
N LEU A 311 17.12 -18.28 15.79
CA LEU A 311 18.51 -18.56 16.10
C LEU A 311 18.66 -19.44 17.34
N GLU A 312 19.61 -20.37 17.26
CA GLU A 312 20.10 -21.08 18.42
C GLU A 312 20.91 -20.10 19.28
N LYS A 313 22.13 -19.78 18.83
CA LYS A 313 23.00 -18.85 19.56
C LYS A 313 22.88 -17.47 18.90
N VAL A 314 23.18 -16.43 19.69
CA VAL A 314 23.56 -15.14 19.14
C VAL A 314 25.06 -14.95 19.32
N PRO A 315 25.86 -14.85 18.23
CA PRO A 315 27.28 -14.58 18.32
C PRO A 315 27.67 -13.45 19.26
N ALA A 316 28.91 -13.48 19.75
CA ALA A 316 29.38 -12.49 20.71
C ALA A 316 29.45 -11.11 20.07
N ASN A 317 29.72 -11.05 18.74
CA ASN A 317 29.93 -9.77 18.06
C ASN A 317 28.63 -9.16 17.55
N THR A 318 27.49 -9.79 17.87
CA THR A 318 26.20 -9.50 17.27
C THR A 318 25.20 -9.00 18.31
N ARG A 319 24.59 -7.85 18.01
CA ARG A 319 23.47 -7.30 18.75
C ARG A 319 22.23 -7.43 17.87
N ILE A 320 21.13 -7.88 18.49
CA ILE A 320 19.85 -8.05 17.82
C ILE A 320 18.86 -7.03 18.37
N VAL A 321 18.11 -6.43 17.46
CA VAL A 321 17.12 -5.40 17.75
C VAL A 321 15.88 -5.73 16.90
N ASP A 322 14.70 -5.41 17.49
CA ASP A 322 13.45 -5.37 16.77
C ASP A 322 13.37 -4.02 16.08
N PHE A 323 13.49 -2.94 16.89
CA PHE A 323 13.48 -1.60 16.33
C PHE A 323 14.90 -1.06 16.40
N VAL A 324 15.44 -0.42 15.34
CA VAL A 324 16.51 0.55 15.52
C VAL A 324 16.29 1.67 14.52
N PRO A 325 16.45 2.95 14.94
CA PRO A 325 16.44 4.09 14.03
C PRO A 325 17.69 4.04 13.15
N LEU A 326 17.43 3.53 11.95
CA LEU A 326 18.44 3.29 10.95
C LEU A 326 19.29 4.54 10.69
N HIS A 327 18.69 5.73 10.66
CA HIS A 327 19.44 6.96 10.38
C HIS A 327 20.46 7.25 11.48
N ALA A 328 20.11 6.90 12.72
CA ALA A 328 20.98 7.07 13.87
C ALA A 328 22.05 5.95 13.91
N LEU A 329 21.69 4.77 13.44
CA LEU A 329 22.58 3.61 13.45
C LEU A 329 23.67 3.67 12.37
N LEU A 330 23.36 4.22 11.18
CA LEU A 330 24.25 4.07 10.05
C LEU A 330 25.43 5.05 10.08
N PRO A 331 25.41 6.21 10.75
CA PRO A 331 26.64 7.04 10.83
C PRO A 331 27.78 6.23 11.43
N GLY A 332 28.93 6.21 10.74
CA GLY A 332 30.08 5.43 11.20
C GLY A 332 30.01 3.93 10.86
N ALA A 333 28.85 3.39 10.49
CA ALA A 333 28.76 2.02 10.02
C ALA A 333 29.58 1.85 8.73
N SER A 334 30.03 0.63 8.48
CA SER A 334 30.89 0.34 7.35
C SER A 334 30.11 -0.31 6.21
N VAL A 335 29.09 -1.12 6.54
CA VAL A 335 28.30 -1.86 5.56
C VAL A 335 26.85 -1.93 6.03
N LEU A 336 25.92 -1.74 5.08
CA LEU A 336 24.53 -2.12 5.28
C LEU A 336 24.18 -3.24 4.31
N ILE A 337 23.62 -4.32 4.87
CA ILE A 337 23.14 -5.47 4.11
C ILE A 337 21.63 -5.45 4.11
N HIS A 338 21.02 -5.44 2.91
CA HIS A 338 19.55 -5.33 2.81
C HIS A 338 19.11 -5.76 1.41
N HIS A 339 17.77 -5.84 1.22
CA HIS A 339 17.14 -6.41 0.03
C HIS A 339 16.87 -5.36 -1.06
N GLY A 340 17.15 -4.08 -0.80
CA GLY A 340 17.05 -3.03 -1.81
C GLY A 340 15.85 -2.09 -1.63
N GLY A 341 15.16 -2.21 -0.48
CA GLY A 341 14.15 -1.23 -0.09
C GLY A 341 14.72 0.18 0.00
N PHE A 342 13.89 1.20 -0.26
CA PHE A 342 14.40 2.56 -0.42
C PHE A 342 14.83 3.17 0.90
N GLY A 343 14.13 2.84 1.99
CA GLY A 343 14.48 3.37 3.31
C GLY A 343 15.92 3.04 3.68
N SER A 344 16.29 1.77 3.52
CA SER A 344 17.64 1.27 3.75
C SER A 344 18.62 1.89 2.74
N TRP A 345 18.27 1.78 1.46
CA TRP A 345 19.12 2.25 0.37
C TRP A 345 19.44 3.72 0.55
N GLY A 346 18.40 4.52 0.78
CA GLY A 346 18.52 5.96 0.87
C GLY A 346 19.24 6.39 2.13
N THR A 347 18.98 5.70 3.24
CA THR A 347 19.58 6.07 4.52
C THR A 347 21.08 5.73 4.52
N ALA A 348 21.45 4.58 3.95
CA ALA A 348 22.85 4.24 3.74
C ALA A 348 23.49 5.25 2.81
N LEU A 349 22.76 5.65 1.75
CA LEU A 349 23.32 6.57 0.78
C LEU A 349 23.67 7.91 1.43
N VAL A 350 22.79 8.46 2.28
CA VAL A 350 23.04 9.78 2.83
C VAL A 350 24.12 9.69 3.90
N ASN A 351 24.41 8.49 4.42
CA ASN A 351 25.46 8.31 5.40
C ASN A 351 26.77 7.85 4.75
N GLY A 352 26.80 7.69 3.42
CA GLY A 352 28.00 7.27 2.71
C GLY A 352 28.42 5.84 3.01
N VAL A 353 27.49 4.99 3.44
CA VAL A 353 27.79 3.61 3.82
C VAL A 353 27.67 2.69 2.60
N PRO A 354 28.74 1.95 2.23
CA PRO A 354 28.65 0.89 1.23
C PRO A 354 27.58 -0.14 1.57
N GLN A 355 26.91 -0.60 0.51
CA GLN A 355 25.76 -1.46 0.63
C GLN A 355 26.08 -2.79 -0.04
N PHE A 356 25.62 -3.87 0.62
CA PHE A 356 25.59 -5.20 0.04
C PHE A 356 24.13 -5.63 -0.07
N ILE A 357 23.70 -5.85 -1.32
CA ILE A 357 22.29 -6.07 -1.63
C ILE A 357 22.13 -7.43 -2.31
N PRO A 358 21.91 -8.50 -1.51
CA PRO A 358 21.50 -9.79 -2.06
C PRO A 358 19.98 -9.79 -2.24
N THR A 359 19.52 -9.82 -3.49
CA THR A 359 18.12 -9.51 -3.75
C THR A 359 17.65 -10.22 -5.02
N ILE A 360 16.39 -9.94 -5.37
CA ILE A 360 15.68 -10.54 -6.49
C ILE A 360 15.18 -9.44 -7.43
N ARG A 361 14.74 -9.82 -8.63
CA ARG A 361 14.21 -8.88 -9.60
C ARG A 361 12.73 -8.65 -9.30
N TYR A 362 12.49 -7.96 -8.17
CA TYR A 362 11.18 -7.52 -7.77
C TYR A 362 11.20 -6.00 -7.59
N ALA A 363 10.13 -5.35 -8.01
CA ALA A 363 10.09 -3.89 -8.07
C ALA A 363 11.41 -3.38 -8.64
N ASP A 364 12.04 -2.40 -7.99
CA ASP A 364 13.28 -1.82 -8.47
C ASP A 364 14.47 -2.32 -7.62
N TRP A 365 14.26 -3.36 -6.82
CA TRP A 365 15.27 -3.79 -5.88
C TRP A 365 16.58 -4.14 -6.58
N TRP A 366 16.46 -4.85 -7.72
CA TRP A 366 17.64 -5.28 -8.46
C TRP A 366 18.39 -4.07 -8.99
N ASN A 367 17.64 -3.08 -9.49
CA ASN A 367 18.20 -1.85 -10.01
C ASN A 367 18.88 -1.04 -8.89
N LYS A 368 18.32 -1.12 -7.68
CA LYS A 368 18.91 -0.46 -6.54
C LYS A 368 20.30 -1.06 -6.28
N GLY A 369 20.39 -2.39 -6.35
CA GLY A 369 21.66 -3.09 -6.23
C GLY A 369 22.64 -2.79 -7.37
N THR A 370 22.16 -2.94 -8.61
CA THR A 370 23.05 -2.84 -9.77
C THR A 370 23.52 -1.40 -9.95
N SER A 371 22.67 -0.41 -9.66
CA SER A 371 23.07 1.00 -9.79
C SER A 371 24.31 1.27 -8.93
N LEU A 372 24.30 0.78 -7.68
CA LEU A 372 25.42 0.98 -6.78
C LEU A 372 26.64 0.16 -7.24
N HIS A 373 26.39 -1.09 -7.65
CA HIS A 373 27.43 -1.97 -8.15
C HIS A 373 28.20 -1.32 -9.29
N GLU A 374 27.49 -0.84 -10.33
CA GLU A 374 28.12 -0.22 -11.49
C GLU A 374 28.88 1.05 -11.08
N ALA A 375 28.42 1.76 -10.06
CA ALA A 375 29.05 2.98 -9.61
C ALA A 375 30.27 2.68 -8.72
N GLY A 376 30.45 1.41 -8.33
CA GLY A 376 31.54 1.00 -7.47
C GLY A 376 31.33 1.33 -5.99
N ALA A 377 30.08 1.62 -5.60
CA ALA A 377 29.74 2.08 -4.26
C ALA A 377 29.24 0.94 -3.37
N GLY A 378 28.89 -0.19 -3.99
CA GLY A 378 28.45 -1.36 -3.25
C GLY A 378 28.45 -2.59 -4.16
N LEU A 379 27.84 -3.67 -3.66
CA LEU A 379 27.81 -4.95 -4.34
C LEU A 379 26.38 -5.47 -4.34
N VAL A 380 25.97 -6.03 -5.50
CA VAL A 380 24.72 -6.75 -5.65
C VAL A 380 25.05 -8.20 -5.97
N VAL A 381 24.21 -9.11 -5.45
CA VAL A 381 24.21 -10.48 -5.89
C VAL A 381 22.77 -10.98 -5.89
N HIS A 382 22.44 -11.94 -6.77
CA HIS A 382 21.12 -12.56 -6.70
C HIS A 382 21.01 -13.37 -5.42
N ALA A 383 19.87 -13.26 -4.75
CA ALA A 383 19.64 -13.91 -3.46
C ALA A 383 19.93 -15.42 -3.51
N SER A 384 19.63 -16.02 -4.66
CA SER A 384 19.75 -17.46 -4.85
C SER A 384 21.23 -17.89 -4.84
N GLU A 385 22.14 -16.96 -5.18
CA GLU A 385 23.56 -17.25 -5.22
C GLU A 385 24.27 -16.88 -3.91
N LEU A 386 23.52 -16.54 -2.86
CA LEU A 386 24.17 -16.10 -1.63
C LEU A 386 24.56 -17.32 -0.81
N THR A 387 25.86 -17.41 -0.52
CA THR A 387 26.47 -18.43 0.32
C THR A 387 27.24 -17.74 1.45
N ALA A 388 27.66 -18.53 2.45
CA ALA A 388 28.52 -18.00 3.52
C ALA A 388 29.79 -17.42 2.91
N GLU A 389 30.32 -18.04 1.84
CA GLU A 389 31.57 -17.59 1.24
C GLU A 389 31.37 -16.24 0.54
N VAL A 390 30.26 -16.09 -0.19
CA VAL A 390 29.96 -14.85 -0.93
C VAL A 390 29.69 -13.73 0.07
N LEU A 391 28.87 -14.02 1.10
CA LEU A 391 28.57 -13.05 2.15
C LEU A 391 29.86 -12.52 2.78
N ARG A 392 30.71 -13.44 3.25
CA ARG A 392 31.97 -13.11 3.93
C ARG A 392 32.84 -12.28 2.99
N GLU A 393 33.01 -12.75 1.74
CA GLU A 393 33.95 -12.10 0.83
C GLU A 393 33.46 -10.71 0.45
N SER A 394 32.15 -10.55 0.24
CA SER A 394 31.57 -9.28 -0.15
C SER A 394 31.75 -8.25 0.97
N VAL A 395 31.43 -8.66 2.21
CA VAL A 395 31.58 -7.78 3.36
C VAL A 395 33.05 -7.36 3.51
N GLU A 396 33.97 -8.33 3.41
CA GLU A 396 35.40 -8.06 3.54
C GLU A 396 35.81 -7.02 2.52
N ARG A 397 35.32 -7.17 1.27
CA ARG A 397 35.70 -6.28 0.18
C ARG A 397 35.21 -4.86 0.45
N LEU A 398 33.99 -4.71 0.98
CA LEU A 398 33.39 -3.40 1.22
C LEU A 398 34.09 -2.71 2.41
N VAL A 399 34.58 -3.52 3.36
CA VAL A 399 35.34 -2.99 4.48
C VAL A 399 36.76 -2.60 4.06
N GLU A 400 37.45 -3.49 3.32
CA GLU A 400 38.89 -3.38 3.13
C GLU A 400 39.23 -2.51 1.93
N ASP A 401 38.50 -2.67 0.83
CA ASP A 401 38.74 -1.90 -0.38
C ASP A 401 38.10 -0.51 -0.20
N ALA A 402 38.97 0.51 -0.15
CA ALA A 402 38.56 1.88 0.15
C ALA A 402 37.79 2.52 -1.00
N SER A 403 37.81 1.89 -2.19
CA SER A 403 37.17 2.43 -3.37
C SER A 403 35.65 2.44 -3.21
N TYR A 404 35.12 1.51 -2.40
CA TYR A 404 33.70 1.41 -2.12
C TYR A 404 33.26 2.60 -1.29
N ARG A 405 33.91 2.85 -0.12
CA ARG A 405 33.59 4.03 0.68
C ARG A 405 33.71 5.30 -0.15
N GLU A 406 34.71 5.39 -1.04
CA GLU A 406 34.93 6.61 -1.79
C GLU A 406 33.81 6.85 -2.78
N ALA A 407 33.35 5.79 -3.46
CA ALA A 407 32.24 5.89 -4.40
C ALA A 407 30.93 6.18 -3.66
N ALA A 408 30.71 5.55 -2.49
CA ALA A 408 29.55 5.83 -1.66
C ALA A 408 29.53 7.30 -1.23
N GLU A 409 30.73 7.84 -0.94
CA GLU A 409 30.87 9.20 -0.47
C GLU A 409 30.53 10.17 -1.58
N ARG A 410 30.87 9.83 -2.83
CA ARG A 410 30.52 10.66 -3.97
C ARG A 410 28.99 10.74 -4.12
N LEU A 411 28.28 9.63 -3.90
CA LEU A 411 26.83 9.60 -4.00
C LEU A 411 26.21 10.40 -2.86
N ARG A 412 26.77 10.26 -1.66
CA ARG A 412 26.39 11.08 -0.52
C ARG A 412 26.43 12.54 -0.91
N GLU A 413 27.54 12.97 -1.53
CA GLU A 413 27.73 14.37 -1.90
C GLU A 413 26.74 14.77 -2.98
N GLU A 414 26.41 13.86 -3.90
CA GLU A 414 25.43 14.14 -4.94
C GLU A 414 24.07 14.41 -4.30
N ASN A 415 23.64 13.56 -3.35
CA ASN A 415 22.41 13.77 -2.60
C ASN A 415 22.41 15.13 -1.94
N GLN A 416 23.54 15.47 -1.31
CA GLN A 416 23.73 16.68 -0.53
C GLN A 416 23.63 17.93 -1.43
N ARG A 417 23.95 17.80 -2.71
CA ARG A 417 23.81 18.91 -3.65
C ARG A 417 22.37 19.05 -4.15
N THR A 418 21.53 18.04 -3.95
CA THR A 418 20.16 18.13 -4.43
C THR A 418 19.39 19.10 -3.54
N PRO A 419 18.53 19.97 -4.12
CA PRO A 419 17.60 20.79 -3.34
C PRO A 419 16.77 19.97 -2.36
N THR A 420 16.59 20.51 -1.17
CA THR A 420 15.79 19.89 -0.13
C THR A 420 14.31 19.99 -0.46
N PRO A 421 13.46 19.18 0.22
CA PRO A 421 12.02 19.42 0.18
C PRO A 421 11.64 20.89 0.41
N HIS A 422 12.26 21.52 1.40
CA HIS A 422 12.11 22.95 1.64
C HIS A 422 12.32 23.73 0.35
N ASP A 423 13.44 23.50 -0.34
CA ASP A 423 13.78 24.27 -1.53
C ASP A 423 12.81 24.02 -2.66
N VAL A 424 12.19 22.84 -2.77
CA VAL A 424 11.33 22.57 -3.90
C VAL A 424 9.88 22.98 -3.61
N VAL A 425 9.56 23.42 -2.40
CA VAL A 425 8.20 23.85 -2.10
C VAL A 425 7.71 24.89 -3.12
N PRO A 426 8.44 26.00 -3.39
CA PRO A 426 7.98 26.99 -4.37
C PRO A 426 7.77 26.46 -5.79
N VAL A 427 8.63 25.51 -6.20
CA VAL A 427 8.53 24.85 -7.49
C VAL A 427 7.20 24.10 -7.57
N ILE A 428 6.86 23.38 -6.50
CA ILE A 428 5.61 22.63 -6.43
C ILE A 428 4.42 23.57 -6.45
N GLU A 429 4.53 24.73 -5.77
CA GLU A 429 3.48 25.75 -5.76
C GLU A 429 3.23 26.26 -7.19
N GLU A 430 4.31 26.59 -7.90
CA GLU A 430 4.21 27.15 -9.25
C GLU A 430 3.64 26.10 -10.21
N LEU A 431 4.12 24.86 -10.11
CA LEU A 431 3.64 23.81 -10.98
C LEU A 431 2.17 23.53 -10.73
N THR A 432 1.73 23.67 -9.47
CA THR A 432 0.32 23.46 -9.15
C THR A 432 -0.55 24.54 -9.80
N ALA A 433 -0.09 25.80 -9.74
CA ALA A 433 -0.77 26.91 -10.38
C ALA A 433 -0.88 26.68 -11.88
N GLU A 434 0.23 26.28 -12.49
CA GLU A 434 0.33 26.06 -13.92
C GLU A 434 -0.60 24.94 -14.39
N HIS A 435 -0.65 23.81 -13.65
CA HIS A 435 -1.25 22.59 -14.19
C HIS A 435 -2.63 22.33 -13.58
N GLY A 436 -2.96 22.99 -12.48
CA GLY A 436 -4.21 22.64 -11.80
C GLY A 436 -5.35 23.49 -12.35
N ARG A 437 -6.46 23.51 -11.62
CA ARG A 437 -7.60 24.38 -11.87
C ARG A 437 -7.14 25.84 -12.15
N SER B 19 25.04 25.86 5.91
CA SER B 19 24.81 24.41 5.57
C SER B 19 24.32 23.61 6.80
N HIS B 20 24.66 22.31 6.85
CA HIS B 20 23.83 21.32 7.53
C HIS B 20 24.01 21.37 9.04
N MET B 21 22.89 21.52 9.79
CA MET B 21 22.97 21.73 11.22
C MET B 21 22.42 20.52 11.97
N ARG B 22 22.93 20.31 13.19
CA ARG B 22 22.27 19.48 14.18
C ARG B 22 21.54 20.40 15.14
N ILE B 23 20.23 20.15 15.27
CA ILE B 23 19.35 21.03 16.02
C ILE B 23 18.66 20.19 17.09
N LEU B 24 18.84 20.60 18.34
CA LEU B 24 18.25 19.93 19.47
C LEU B 24 17.09 20.76 20.00
N PHE B 25 15.88 20.19 19.94
CA PHE B 25 14.72 20.75 20.62
C PHE B 25 14.71 20.20 22.05
N ALA B 26 14.41 21.08 23.02
CA ALA B 26 14.28 20.68 24.41
C ALA B 26 12.96 21.21 24.97
N THR B 27 12.20 20.30 25.59
CA THR B 27 10.95 20.65 26.24
C THR B 27 10.78 19.82 27.51
N VAL B 28 10.11 20.48 28.47
CA VAL B 28 9.56 19.82 29.65
C VAL B 28 8.59 18.76 29.16
N SER B 29 8.29 17.79 30.03
CA SER B 29 7.52 16.61 29.65
C SER B 29 6.02 16.91 29.66
N GLU B 30 5.60 17.88 28.85
CA GLU B 30 4.18 18.14 28.62
C GLU B 30 3.89 17.99 27.13
N LYS B 31 2.96 17.10 26.78
CA LYS B 31 2.53 16.93 25.39
C LYS B 31 2.09 18.27 24.81
N SER B 32 1.36 19.07 25.60
CA SER B 32 0.79 20.33 25.15
C SER B 32 1.90 21.28 24.71
N HIS B 33 3.02 21.31 25.44
CA HIS B 33 4.18 22.11 25.08
C HIS B 33 4.86 21.55 23.82
N LEU B 34 5.11 20.23 23.81
CA LEU B 34 5.73 19.56 22.69
C LEU B 34 5.02 19.89 21.37
N PHE B 35 3.70 19.78 21.35
CA PHE B 35 2.94 19.92 20.11
C PHE B 35 3.10 21.32 19.51
N THR B 36 3.38 22.33 20.35
CA THR B 36 3.54 23.69 19.85
C THR B 36 4.83 23.83 19.05
N MET B 37 5.77 22.88 19.21
CA MET B 37 7.11 23.00 18.64
C MET B 37 7.23 22.21 17.33
N VAL B 38 6.22 21.38 17.02
CA VAL B 38 6.39 20.35 16.00
C VAL B 38 6.51 20.97 14.61
N PRO B 39 5.66 21.93 14.20
CA PRO B 39 5.81 22.52 12.87
C PRO B 39 7.19 23.14 12.63
N LEU B 40 7.74 23.84 13.62
CA LEU B 40 9.04 24.47 13.42
C LEU B 40 10.13 23.40 13.31
N ALA B 41 10.05 22.38 14.18
CA ALA B 41 10.98 21.26 14.12
C ALA B 41 10.96 20.62 12.74
N TRP B 42 9.77 20.36 12.20
CA TRP B 42 9.65 19.74 10.88
C TRP B 42 10.09 20.69 9.77
N SER B 43 9.91 22.00 9.94
CA SER B 43 10.37 22.95 8.93
C SER B 43 11.88 22.83 8.77
N LEU B 44 12.58 22.65 9.89
CA LEU B 44 14.03 22.61 9.90
C LEU B 44 14.52 21.27 9.34
N ALA B 45 13.84 20.19 9.71
CA ALA B 45 14.13 18.87 9.19
C ALA B 45 13.94 18.84 7.66
N ALA B 46 12.89 19.53 7.18
CA ALA B 46 12.56 19.55 5.76
C ALA B 46 13.61 20.32 4.96
N ALA B 47 14.37 21.20 5.64
CA ALA B 47 15.45 21.94 5.01
C ALA B 47 16.76 21.18 5.09
N GLY B 48 16.74 19.94 5.57
CA GLY B 48 17.91 19.07 5.51
C GLY B 48 18.67 18.98 6.82
N HIS B 49 18.21 19.69 7.87
CA HIS B 49 18.89 19.65 9.17
C HIS B 49 18.46 18.40 9.93
N GLU B 50 19.35 17.93 10.82
CA GLU B 50 19.00 16.86 11.74
C GLU B 50 18.33 17.45 12.96
N VAL B 51 17.15 16.96 13.31
CA VAL B 51 16.37 17.53 14.39
C VAL B 51 16.03 16.41 15.37
N HIS B 52 16.52 16.56 16.61
CA HIS B 52 16.21 15.64 17.69
C HIS B 52 15.49 16.40 18.78
N VAL B 53 14.52 15.72 19.41
CA VAL B 53 13.69 16.33 20.43
C VAL B 53 13.95 15.59 21.75
N ALA B 54 14.48 16.34 22.74
CA ALA B 54 14.82 15.77 24.03
C ALA B 54 13.82 16.20 25.10
N SER B 55 13.41 15.21 25.90
CA SER B 55 12.61 15.42 27.11
C SER B 55 12.72 14.18 27.99
N ASN B 56 12.06 14.22 29.15
CA ASN B 56 11.99 13.13 30.11
C ASN B 56 11.36 11.90 29.44
N PRO B 57 11.66 10.68 29.92
CA PRO B 57 11.16 9.45 29.27
C PRO B 57 9.65 9.37 29.11
N ALA B 58 8.87 10.00 30.01
CA ALA B 58 7.43 9.99 29.93
C ALA B 58 6.93 10.54 28.59
N LEU B 59 7.68 11.44 27.95
CA LEU B 59 7.22 12.10 26.73
C LEU B 59 7.71 11.40 25.46
N THR B 60 8.52 10.34 25.58
CA THR B 60 9.10 9.67 24.44
C THR B 60 8.01 9.21 23.46
N ALA B 61 6.93 8.59 23.96
CA ALA B 61 5.92 8.07 23.05
C ALA B 61 5.26 9.21 22.29
N SER B 62 5.00 10.34 22.96
CA SER B 62 4.41 11.51 22.31
C SER B 62 5.34 12.05 21.23
N ILE B 63 6.64 12.15 21.49
CA ILE B 63 7.56 12.65 20.49
C ILE B 63 7.53 11.75 19.25
N LYS B 64 7.51 10.44 19.47
CA LYS B 64 7.61 9.46 18.39
C LYS B 64 6.41 9.53 17.45
N SER B 65 5.23 9.93 17.96
CA SER B 65 4.04 10.09 17.16
C SER B 65 3.99 11.43 16.40
N THR B 66 5.02 12.28 16.54
CA THR B 66 5.12 13.50 15.75
C THR B 66 5.92 13.29 14.47
N GLY B 67 6.52 12.10 14.33
CA GLY B 67 7.43 11.83 13.22
C GLY B 67 8.87 12.21 13.53
N LEU B 68 9.09 12.92 14.65
CA LEU B 68 10.41 13.43 15.00
C LEU B 68 11.13 12.40 15.87
N THR B 69 12.47 12.44 15.80
CA THR B 69 13.33 11.57 16.58
C THR B 69 13.37 12.02 18.04
N ALA B 70 13.03 11.07 18.94
CA ALA B 70 13.01 11.31 20.37
C ALA B 70 14.37 11.00 21.01
N VAL B 71 14.76 11.81 21.99
CA VAL B 71 15.92 11.52 22.83
C VAL B 71 15.48 11.55 24.28
N PRO B 72 15.15 10.40 24.91
CA PRO B 72 14.80 10.40 26.34
C PRO B 72 16.02 10.77 27.19
N VAL B 73 15.83 11.71 28.12
CA VAL B 73 16.91 12.14 28.98
C VAL B 73 16.41 12.18 30.43
N GLY B 74 17.27 11.70 31.33
CA GLY B 74 17.04 11.81 32.77
C GLY B 74 15.85 10.95 33.23
N LYS B 75 15.19 11.40 34.28
CA LYS B 75 14.12 10.61 34.89
C LYS B 75 12.90 11.51 35.04
N ASP B 76 11.77 10.85 35.35
CA ASP B 76 10.49 11.52 35.47
C ASP B 76 10.41 12.20 36.85
N HIS B 77 9.58 13.25 36.93
CA HIS B 77 9.54 14.18 38.05
C HIS B 77 8.18 14.05 38.75
N ASN B 78 7.96 14.83 39.81
CA ASN B 78 6.83 14.69 40.71
C ASN B 78 5.86 15.87 40.60
N LEU B 79 5.95 16.65 39.51
CA LEU B 79 5.20 17.90 39.48
C LEU B 79 3.71 17.62 39.61
N HIS B 80 3.19 16.56 38.98
CA HIS B 80 1.75 16.31 38.96
C HIS B 80 1.22 15.93 40.35
N GLU B 81 2.00 15.14 41.12
CA GLU B 81 1.64 14.83 42.49
C GLU B 81 1.66 16.10 43.35
N MET B 82 2.70 16.93 43.19
CA MET B 82 2.82 18.18 43.94
C MET B 82 1.60 19.07 43.66
N LEU B 83 1.20 19.18 42.39
CA LEU B 83 0.08 20.02 41.98
C LEU B 83 -1.25 19.49 42.51
N THR B 84 -1.50 18.18 42.40
CA THR B 84 -2.80 17.66 42.79
C THR B 84 -2.93 17.67 44.31
N GLU B 85 -1.82 17.36 45.02
CA GLU B 85 -1.80 17.38 46.47
C GLU B 85 -1.92 18.78 47.07
N ASN B 86 -1.59 19.84 46.27
CA ASN B 86 -1.94 21.21 46.67
C ASN B 86 -3.09 21.76 45.79
N LEU B 90 -3.37 26.26 42.96
CA LEU B 90 -2.93 26.60 41.58
C LEU B 90 -2.80 28.12 41.44
N GLU B 91 -3.95 28.80 41.57
CA GLU B 91 -4.01 30.24 41.44
C GLU B 91 -3.90 30.83 42.84
N ASN B 92 -2.73 31.41 43.12
CA ASN B 92 -2.54 32.27 44.30
C ASN B 92 -1.66 33.46 43.90
N PRO B 93 -1.54 34.54 44.69
CA PRO B 93 -0.82 35.73 44.24
C PRO B 93 0.61 35.50 43.75
N LEU B 94 1.32 34.51 44.31
CA LEU B 94 2.72 34.26 43.95
C LEU B 94 2.87 33.47 42.64
N SER B 95 1.79 32.84 42.20
CA SER B 95 1.79 32.11 40.93
C SER B 95 1.17 32.97 39.82
N ASP B 96 0.77 34.20 40.16
CA ASP B 96 0.07 35.07 39.23
C ASP B 96 1.11 35.95 38.53
N TRP B 97 1.48 35.57 37.30
CA TRP B 97 2.36 36.39 36.48
C TRP B 97 1.57 37.08 35.38
N SER B 98 0.23 37.22 35.56
CA SER B 98 -0.65 37.79 34.56
C SER B 98 -0.49 39.31 34.42
N THR B 99 0.06 40.00 35.44
CA THR B 99 0.24 41.43 35.38
C THR B 99 1.68 41.80 35.70
N PRO B 100 2.66 41.44 34.82
CA PRO B 100 4.06 41.73 35.11
C PRO B 100 4.44 43.19 34.86
N GLU B 101 4.11 44.05 35.83
CA GLU B 101 4.31 45.48 35.71
C GLU B 101 5.03 46.00 36.96
N LEU B 102 5.98 46.93 36.75
CA LEU B 102 6.71 47.60 37.82
C LEU B 102 5.76 48.13 38.89
N ASP B 103 4.72 48.84 38.43
CA ASP B 103 3.68 49.44 39.25
C ASP B 103 3.09 48.46 40.26
N ARG B 104 3.14 47.16 39.98
CA ARG B 104 2.42 46.21 40.80
C ARG B 104 3.39 45.31 41.56
N HIS B 105 4.70 45.60 41.47
CA HIS B 105 5.73 44.74 42.04
C HIS B 105 6.77 45.59 42.76
N SER B 106 6.79 45.48 44.10
CA SER B 106 7.96 45.83 44.88
C SER B 106 9.09 44.86 44.55
N TRP B 107 10.31 45.19 44.95
CA TRP B 107 11.43 44.28 44.83
C TRP B 107 11.08 42.92 45.48
N GLU B 108 10.51 42.95 46.68
CA GLU B 108 10.38 41.71 47.43
C GLU B 108 9.23 40.89 46.84
N GLN B 109 8.25 41.54 46.19
CA GLN B 109 7.16 40.81 45.56
C GLN B 109 7.68 40.05 44.32
N VAL B 110 8.46 40.72 43.47
CA VAL B 110 8.95 40.10 42.25
C VAL B 110 10.03 39.07 42.60
N LEU B 111 10.88 39.37 43.60
CA LEU B 111 11.89 38.40 44.03
C LEU B 111 11.20 37.12 44.52
N MET B 112 10.13 37.30 45.29
CA MET B 112 9.44 36.16 45.88
C MET B 112 8.80 35.31 44.76
N LYS B 113 8.31 35.95 43.69
CA LYS B 113 7.74 35.23 42.55
C LYS B 113 8.79 34.37 41.87
N PHE B 114 9.99 34.92 41.67
CA PHE B 114 11.09 34.16 41.09
C PHE B 114 11.52 33.03 42.01
N LYS B 115 11.56 33.28 43.33
CA LYS B 115 12.00 32.25 44.27
C LYS B 115 11.05 31.06 44.20
N VAL B 116 9.75 31.33 44.22
CA VAL B 116 8.76 30.27 44.30
C VAL B 116 8.61 29.55 42.95
N SER B 117 8.71 30.28 41.83
CA SER B 117 8.58 29.68 40.51
C SER B 117 9.80 28.78 40.23
N VAL B 118 10.99 29.23 40.62
CA VAL B 118 12.19 28.40 40.49
C VAL B 118 12.08 27.14 41.36
N MET B 119 11.70 27.30 42.63
CA MET B 119 11.67 26.20 43.58
C MET B 119 10.61 25.19 43.17
N PHE B 120 9.40 25.66 42.86
CA PHE B 120 8.29 24.73 42.68
C PHE B 120 8.21 24.22 41.24
N ALA B 121 8.27 25.10 40.23
CA ALA B 121 7.97 24.71 38.87
C ALA B 121 9.25 24.39 38.10
N TYR B 122 10.16 25.36 38.00
CA TYR B 122 11.24 25.27 37.03
C TYR B 122 12.21 24.14 37.41
N GLN B 123 12.53 24.04 38.70
CA GLN B 123 13.47 23.02 39.15
C GLN B 123 12.85 21.63 39.01
N THR B 124 11.56 21.50 39.39
CA THR B 124 10.91 20.19 39.26
C THR B 124 10.92 19.72 37.81
N TYR B 125 10.59 20.63 36.88
CA TYR B 125 10.50 20.33 35.46
C TYR B 125 11.86 19.97 34.85
N ASN B 126 12.93 20.64 35.33
CA ASN B 126 14.20 20.66 34.63
C ASN B 126 15.32 19.86 35.31
N ASP B 127 15.38 19.84 36.66
CA ASP B 127 16.56 19.30 37.34
C ASP B 127 16.65 17.79 37.14
N CYS B 128 15.49 17.14 36.92
CA CYS B 128 15.41 15.72 36.65
C CYS B 128 16.10 15.32 35.34
N MET B 129 16.49 16.28 34.48
CA MET B 129 17.03 15.89 33.19
C MET B 129 18.19 16.76 32.74
N VAL B 130 18.50 17.83 33.47
CA VAL B 130 19.44 18.83 32.95
C VAL B 130 20.84 18.23 32.72
N HIS B 131 21.32 17.37 33.63
CA HIS B 131 22.66 16.83 33.53
C HIS B 131 22.78 15.85 32.36
N GLU B 132 21.74 15.04 32.18
CA GLU B 132 21.65 14.10 31.07
C GLU B 132 21.53 14.85 29.74
N LEU B 133 20.87 16.02 29.76
CA LEU B 133 20.74 16.83 28.55
C LEU B 133 22.08 17.47 28.20
N VAL B 134 22.82 17.93 29.21
CA VAL B 134 24.15 18.49 28.98
C VAL B 134 25.06 17.40 28.37
N ASP B 135 24.96 16.18 28.89
CA ASP B 135 25.72 15.03 28.42
C ASP B 135 25.41 14.77 26.97
N TYR B 136 24.12 14.69 26.63
CA TYR B 136 23.73 14.44 25.26
C TYR B 136 24.25 15.53 24.34
N ALA B 137 24.14 16.79 24.78
CA ALA B 137 24.61 17.91 23.97
C ALA B 137 26.12 17.81 23.74
N ARG B 138 26.85 17.35 24.76
CA ARG B 138 28.29 17.18 24.65
C ARG B 138 28.63 16.10 23.62
N HIS B 139 27.91 14.97 23.65
CA HIS B 139 28.08 13.92 22.66
C HIS B 139 27.70 14.39 21.25
N TRP B 140 26.51 15.00 21.09
CA TRP B 140 25.91 15.19 19.78
C TRP B 140 26.38 16.51 19.15
N GLN B 141 26.73 17.48 19.99
CA GLN B 141 27.30 18.75 19.55
C GLN B 141 26.30 19.48 18.64
N PRO B 142 25.08 19.79 19.11
CA PRO B 142 24.15 20.57 18.31
C PRO B 142 24.74 21.93 18.01
N ASP B 143 24.43 22.45 16.83
CA ASP B 143 24.76 23.81 16.47
C ASP B 143 23.77 24.78 17.11
N LEU B 144 22.56 24.30 17.39
CA LEU B 144 21.43 25.12 17.80
C LEU B 144 20.55 24.32 18.74
N VAL B 145 20.12 24.97 19.82
CA VAL B 145 19.13 24.39 20.72
C VAL B 145 17.91 25.31 20.72
N ILE B 146 16.73 24.73 20.42
CA ILE B 146 15.49 25.49 20.50
C ILE B 146 14.70 24.93 21.68
N TRP B 147 14.34 25.84 22.60
CA TRP B 147 13.79 25.40 23.88
C TRP B 147 12.43 26.02 24.15
N ASP B 148 11.53 25.17 24.64
CA ASP B 148 10.28 25.61 25.24
C ASP B 148 10.60 26.64 26.34
N PRO B 149 9.80 27.71 26.51
CA PRO B 149 10.22 28.86 27.31
C PRO B 149 10.41 28.68 28.81
N VAL B 150 9.93 27.56 29.38
CA VAL B 150 10.22 27.25 30.78
C VAL B 150 11.16 26.04 30.89
N THR B 151 11.80 25.64 29.78
CA THR B 151 12.72 24.51 29.76
C THR B 151 14.14 25.05 29.81
N TYR B 152 14.51 25.55 30.99
CA TYR B 152 15.79 26.24 31.19
C TYR B 152 16.98 25.25 31.11
N ALA B 153 16.71 23.93 31.22
CA ALA B 153 17.76 22.94 30.94
C ALA B 153 18.34 23.15 29.55
N GLY B 154 17.50 23.62 28.61
CA GLY B 154 17.88 23.78 27.22
C GLY B 154 19.04 24.76 27.02
N PRO B 155 18.90 26.04 27.43
CA PRO B 155 19.99 27.00 27.27
C PRO B 155 21.24 26.66 28.09
N VAL B 156 21.09 25.93 29.20
CA VAL B 156 22.24 25.48 29.97
C VAL B 156 23.06 24.53 29.10
N ALA B 157 22.40 23.49 28.57
CA ALA B 157 23.04 22.52 27.68
C ALA B 157 23.67 23.23 26.47
N ALA B 158 22.96 24.20 25.89
CA ALA B 158 23.48 24.93 24.74
C ALA B 158 24.76 25.66 25.11
N ARG B 159 24.73 26.39 26.23
CA ARG B 159 25.84 27.22 26.62
C ARG B 159 27.09 26.37 26.89
N VAL B 160 26.89 25.23 27.54
CA VAL B 160 27.99 24.33 27.83
C VAL B 160 28.73 23.95 26.54
N VAL B 161 28.03 23.77 25.40
CA VAL B 161 28.66 23.31 24.18
C VAL B 161 28.82 24.45 23.17
N GLY B 162 28.51 25.70 23.57
CA GLY B 162 28.67 26.85 22.70
C GLY B 162 27.61 26.96 21.59
N ALA B 163 26.53 26.19 21.67
CA ALA B 163 25.50 26.20 20.65
C ALA B 163 24.75 27.53 20.70
N ALA B 164 24.25 27.99 19.52
CA ALA B 164 23.22 29.03 19.54
C ALA B 164 21.96 28.47 20.19
N HIS B 165 21.10 29.34 20.73
CA HIS B 165 19.88 28.86 21.32
C HIS B 165 18.83 29.96 21.37
N ALA B 166 17.57 29.53 21.23
CA ALA B 166 16.43 30.44 21.14
C ALA B 166 15.22 29.79 21.79
N ARG B 167 14.39 30.63 22.41
CA ARG B 167 13.10 30.19 22.90
C ARG B 167 12.16 30.06 21.70
N LEU B 168 11.25 29.09 21.77
CA LEU B 168 10.10 29.02 20.89
C LEU B 168 8.84 29.15 21.73
N LEU B 169 8.08 30.24 21.51
CA LEU B 169 7.02 30.67 22.41
C LEU B 169 5.65 30.17 21.96
N TRP B 170 4.97 29.54 22.93
CA TRP B 170 3.54 29.30 22.88
C TRP B 170 2.79 30.36 23.70
N CYS B 171 3.55 31.25 24.37
CA CYS B 171 3.02 32.03 25.47
C CYS B 171 3.04 33.53 25.14
N ILE B 172 2.02 34.22 25.63
CA ILE B 172 2.14 35.63 25.93
C ILE B 172 3.30 35.76 26.91
N ASP B 173 4.27 36.62 26.60
CA ASP B 173 5.62 36.48 27.14
C ASP B 173 5.75 37.12 28.54
N ILE B 174 4.95 36.60 29.47
CA ILE B 174 4.97 37.03 30.86
C ILE B 174 6.31 36.68 31.50
N TYR B 175 6.99 35.66 30.97
CA TYR B 175 8.25 35.21 31.55
C TYR B 175 9.33 36.28 31.35
N ALA B 176 9.52 36.73 30.11
CA ALA B 176 10.55 37.73 29.83
C ALA B 176 10.13 39.09 30.37
N LYS B 177 8.82 39.34 30.44
CA LYS B 177 8.35 40.61 30.97
C LYS B 177 8.54 40.67 32.48
N MET B 178 8.21 39.58 33.20
CA MET B 178 8.45 39.51 34.63
C MET B 178 9.95 39.62 34.91
N ARG B 179 10.78 39.06 34.03
CA ARG B 179 12.22 39.17 34.20
C ARG B 179 12.67 40.62 34.06
N GLU B 180 12.07 41.36 33.14
CA GLU B 180 12.38 42.78 32.96
C GLU B 180 12.06 43.55 34.24
N VAL B 181 10.89 43.28 34.83
CA VAL B 181 10.49 43.89 36.09
C VAL B 181 11.51 43.54 37.17
N PHE B 182 11.86 42.25 37.24
CA PHE B 182 12.84 41.77 38.20
C PHE B 182 14.16 42.54 38.07
N LEU B 183 14.67 42.70 36.85
CA LEU B 183 15.97 43.33 36.64
C LEU B 183 15.93 44.82 36.96
N ALA B 184 14.79 45.49 36.71
CA ALA B 184 14.63 46.89 37.06
C ALA B 184 14.73 47.07 38.58
N ARG B 185 14.06 46.18 39.33
CA ARG B 185 14.08 46.26 40.79
C ARG B 185 15.44 45.85 41.35
N LEU B 186 16.08 44.85 40.73
CA LEU B 186 17.40 44.41 41.15
C LEU B 186 18.38 45.58 41.10
N ALA B 187 18.30 46.39 40.03
CA ALA B 187 19.21 47.52 39.81
C ALA B 187 19.05 48.59 40.88
N GLU B 188 17.88 48.66 41.54
CA GLU B 188 17.62 49.62 42.60
C GLU B 188 18.19 49.18 43.94
N GLN B 189 18.70 47.95 44.06
CA GLN B 189 19.13 47.45 45.36
C GLN B 189 20.62 47.72 45.57
N PRO B 190 21.05 47.95 46.82
CA PRO B 190 22.50 48.01 47.13
C PRO B 190 23.10 46.63 46.85
N GLU B 191 24.41 46.60 46.58
CA GLU B 191 25.08 45.41 46.08
C GLU B 191 24.87 44.22 47.03
N GLU B 192 24.88 44.49 48.35
CA GLU B 192 24.82 43.43 49.35
C GLU B 192 23.43 42.76 49.36
N ARG B 193 22.40 43.52 48.95
CA ARG B 193 21.01 43.07 49.05
C ARG B 193 20.55 42.46 47.72
N ARG B 194 21.43 42.43 46.69
CA ARG B 194 21.10 41.81 45.42
C ARG B 194 21.10 40.30 45.57
N GLU B 195 20.03 39.69 45.06
CA GLU B 195 19.87 38.24 45.03
C GLU B 195 19.07 37.86 43.79
N ASP B 196 19.45 36.76 43.15
CA ASP B 196 18.82 36.31 41.92
C ASP B 196 18.68 34.80 41.96
N PRO B 197 17.49 34.27 42.29
CA PRO B 197 17.27 32.82 42.39
C PRO B 197 17.54 32.07 41.08
N MET B 198 17.33 32.76 39.94
CA MET B 198 17.52 32.19 38.62
C MET B 198 19.02 32.04 38.35
N ALA B 199 19.78 33.11 38.64
CA ALA B 199 21.24 33.08 38.54
C ALA B 199 21.84 32.07 39.51
N ASP B 200 21.36 31.98 40.74
CA ASP B 200 21.89 31.02 41.71
C ASP B 200 21.69 29.60 41.16
N TRP B 201 20.47 29.31 40.73
CA TRP B 201 20.11 27.97 40.27
C TRP B 201 20.87 27.61 38.98
N LEU B 202 20.69 28.43 37.94
CA LEU B 202 21.23 28.08 36.62
C LEU B 202 22.74 28.35 36.57
N GLY B 203 23.17 29.44 37.21
CA GLY B 203 24.59 29.76 37.33
C GLY B 203 25.35 28.69 38.12
N GLY B 204 24.71 28.16 39.17
CA GLY B 204 25.25 27.04 39.92
C GLY B 204 25.53 25.85 39.02
N ILE B 205 24.54 25.46 38.21
CA ILE B 205 24.69 24.31 37.33
C ILE B 205 25.75 24.60 36.27
N LEU B 206 25.70 25.79 35.67
CA LEU B 206 26.67 26.16 34.66
C LEU B 206 28.10 26.16 35.22
N GLY B 207 28.24 26.65 36.48
CA GLY B 207 29.51 26.69 37.18
C GLY B 207 30.16 25.31 37.28
N ARG B 208 29.37 24.29 37.63
CA ARG B 208 29.85 22.91 37.71
C ARG B 208 30.43 22.43 36.38
N TYR B 209 30.06 23.03 35.23
CA TYR B 209 30.62 22.64 33.94
C TYR B 209 31.63 23.68 33.45
N GLY B 210 31.98 24.61 34.33
CA GLY B 210 33.01 25.58 34.03
C GLY B 210 32.49 26.75 33.20
N HIS B 211 31.20 27.07 33.27
CA HIS B 211 30.66 28.15 32.47
C HIS B 211 29.98 29.17 33.38
N THR B 212 29.87 30.37 32.85
CA THR B 212 29.29 31.52 33.54
C THR B 212 27.78 31.55 33.31
N PHE B 213 27.03 32.18 34.22
CA PHE B 213 25.65 32.54 33.91
C PHE B 213 25.66 33.81 33.06
N ASP B 214 24.65 33.93 32.21
CA ASP B 214 24.37 35.14 31.45
C ASP B 214 22.86 35.26 31.31
N GLU B 215 22.37 36.50 31.15
CA GLU B 215 20.94 36.78 31.06
C GLU B 215 20.34 36.07 29.85
N GLU B 216 21.17 35.71 28.86
CA GLU B 216 20.60 35.10 27.65
C GLU B 216 20.12 33.68 27.94
N VAL B 217 20.51 33.07 29.07
CA VAL B 217 20.01 31.75 29.46
C VAL B 217 18.58 31.87 29.98
N VAL B 218 18.11 33.09 30.27
CA VAL B 218 16.78 33.30 30.80
C VAL B 218 15.78 33.60 29.66
N VAL B 219 16.23 34.28 28.59
CA VAL B 219 15.32 34.70 27.52
C VAL B 219 15.77 34.22 26.13
N GLY B 220 16.88 33.45 26.07
CA GLY B 220 17.42 32.99 24.80
C GLY B 220 18.25 34.07 24.12
N GLN B 221 19.06 33.68 23.14
CA GLN B 221 19.79 34.63 22.31
C GLN B 221 18.80 35.35 21.38
N TRP B 222 17.77 34.63 20.97
CA TRP B 222 16.61 35.27 20.34
C TRP B 222 15.37 34.46 20.69
N THR B 223 14.22 35.04 20.34
CA THR B 223 12.91 34.51 20.69
C THR B 223 12.14 34.29 19.39
N ILE B 224 11.77 33.03 19.11
CA ILE B 224 10.88 32.72 18.00
C ILE B 224 9.47 32.67 18.57
N ASP B 225 8.58 33.52 18.05
CA ASP B 225 7.34 33.82 18.72
C ASP B 225 6.14 33.48 17.83
N GLN B 226 5.28 32.59 18.33
CA GLN B 226 4.10 32.13 17.62
C GLN B 226 2.87 32.95 17.98
N ILE B 227 3.03 33.93 18.89
CA ILE B 227 1.94 34.83 19.25
C ILE B 227 1.95 35.99 18.26
N PRO B 228 0.78 36.32 17.64
CA PRO B 228 0.69 37.50 16.76
C PRO B 228 1.16 38.75 17.50
N THR B 229 1.96 39.57 16.80
CA THR B 229 2.59 40.75 17.39
C THR B 229 1.59 41.63 18.17
N SER B 230 0.39 41.84 17.62
CA SER B 230 -0.58 42.72 18.20
C SER B 230 -1.04 42.24 19.58
N LEU B 231 -0.89 40.94 19.88
CA LEU B 231 -1.37 40.38 21.13
C LEU B 231 -0.23 40.08 22.10
N GLN B 232 1.01 40.38 21.70
CA GLN B 232 2.18 40.04 22.48
C GLN B 232 2.65 41.26 23.25
N LEU B 233 3.26 41.05 24.42
CA LEU B 233 3.87 42.11 25.21
C LEU B 233 5.16 42.57 24.54
N PRO B 234 5.35 43.89 24.33
CA PRO B 234 6.60 44.41 23.76
C PRO B 234 7.75 44.27 24.76
N LEU B 235 8.92 43.86 24.24
CA LEU B 235 10.07 43.51 25.05
C LEU B 235 11.33 43.94 24.31
N SER B 236 12.45 44.03 25.05
CA SER B 236 13.78 44.19 24.45
C SER B 236 14.40 42.82 24.25
N LEU B 237 14.02 42.20 23.14
CA LEU B 237 14.53 40.89 22.76
C LEU B 237 14.79 40.95 21.25
N ARG B 238 15.68 40.09 20.70
CA ARG B 238 15.65 39.81 19.28
C ARG B 238 14.46 38.86 19.02
N ARG B 239 13.46 39.36 18.29
CA ARG B 239 12.20 38.64 18.13
C ARG B 239 12.01 38.21 16.69
N VAL B 240 11.77 36.90 16.49
CA VAL B 240 11.46 36.37 15.17
C VAL B 240 10.02 35.89 15.21
N PRO B 241 9.04 36.65 14.67
CA PRO B 241 7.67 36.18 14.59
C PRO B 241 7.58 35.00 13.61
N VAL B 242 6.76 34.01 13.95
CA VAL B 242 6.52 32.89 13.09
C VAL B 242 5.05 32.52 13.20
N ARG B 243 4.46 32.07 12.08
CA ARG B 243 3.05 31.72 12.06
C ARG B 243 2.80 30.45 12.86
N TYR B 244 1.79 30.49 13.72
CA TYR B 244 1.30 29.28 14.36
C TYR B 244 0.60 28.42 13.31
N LEU B 245 1.02 27.15 13.24
CA LEU B 245 0.38 26.12 12.43
C LEU B 245 -0.12 25.07 13.40
N PRO B 246 -1.42 24.74 13.39
CA PRO B 246 -1.97 23.78 14.35
C PRO B 246 -1.30 22.42 14.30
N HIS B 247 -0.87 21.94 15.46
CA HIS B 247 -0.57 20.53 15.64
C HIS B 247 -1.06 20.16 17.02
N ASN B 248 -2.03 19.22 17.04
CA ASN B 248 -2.80 18.87 18.20
C ASN B 248 -2.54 17.43 18.57
N GLY B 249 -1.46 16.85 18.03
CA GLY B 249 -1.11 15.47 18.28
C GLY B 249 -1.65 14.58 17.18
N PRO B 250 -1.44 13.24 17.29
CA PRO B 250 -1.87 12.30 16.27
C PRO B 250 -3.34 12.45 15.90
N SER B 251 -3.62 12.55 14.61
CA SER B 251 -4.96 12.84 14.15
C SER B 251 -5.30 12.05 12.89
N GLU B 252 -6.60 11.69 12.79
CA GLU B 252 -7.21 11.25 11.55
C GLU B 252 -8.60 11.88 11.41
N ILE B 253 -9.02 12.09 10.16
CA ILE B 253 -10.32 12.65 9.84
C ILE B 253 -11.35 11.51 9.85
N PRO B 254 -12.39 11.57 10.72
CA PRO B 254 -13.42 10.53 10.76
C PRO B 254 -14.49 10.79 9.70
N ASP B 255 -15.30 9.75 9.43
CA ASP B 255 -16.36 9.79 8.42
C ASP B 255 -17.42 10.84 8.75
N TRP B 256 -17.75 11.01 10.04
CA TRP B 256 -18.84 11.87 10.46
C TRP B 256 -18.55 13.36 10.26
N LEU B 257 -17.28 13.70 10.03
CA LEU B 257 -16.89 15.10 9.93
C LEU B 257 -17.46 15.72 8.64
N ARG B 258 -17.71 14.91 7.61
CA ARG B 258 -17.92 15.37 6.24
C ARG B 258 -19.17 16.27 6.15
N GLU B 259 -20.18 16.02 7.00
CA GLU B 259 -21.49 16.66 6.89
C GLU B 259 -21.53 18.03 7.59
N ALA B 260 -21.23 19.12 6.85
CA ALA B 260 -21.23 20.51 7.35
C ALA B 260 -22.46 20.80 8.24
N PRO B 261 -22.40 21.78 9.19
CA PRO B 261 -23.22 21.71 10.41
C PRO B 261 -24.63 22.34 10.32
N GLY B 262 -25.63 21.65 10.91
CA GLY B 262 -27.02 22.06 10.84
C GLY B 262 -27.27 23.41 11.52
N ARG B 263 -26.65 23.60 12.67
CA ARG B 263 -26.85 24.76 13.51
C ARG B 263 -25.48 25.12 14.06
N PRO B 264 -25.33 26.26 14.79
CA PRO B 264 -24.04 26.60 15.40
C PRO B 264 -23.36 25.42 16.09
N ARG B 265 -22.11 25.14 15.69
CA ARG B 265 -21.32 24.12 16.36
C ARG B 265 -20.50 24.77 17.47
N VAL B 266 -20.58 24.17 18.66
CA VAL B 266 -19.84 24.63 19.84
C VAL B 266 -18.94 23.48 20.30
N VAL B 267 -17.64 23.78 20.41
CA VAL B 267 -16.67 22.75 20.78
C VAL B 267 -16.13 23.08 22.17
N LEU B 268 -15.98 22.03 22.99
CA LEU B 268 -15.53 22.14 24.36
C LEU B 268 -14.38 21.16 24.57
N THR B 269 -13.20 21.67 24.96
CA THR B 269 -12.06 20.82 25.33
C THR B 269 -11.70 21.05 26.78
N SER B 270 -11.47 19.97 27.57
CA SER B 270 -10.80 20.10 28.83
C SER B 270 -9.34 20.44 28.53
N GLY B 271 -8.84 20.14 27.32
CA GLY B 271 -7.60 20.73 26.79
C GLY B 271 -6.75 19.75 25.98
N VAL B 272 -5.50 19.53 26.42
CA VAL B 272 -4.68 18.36 26.04
C VAL B 272 -3.94 17.87 27.30
N SER B 273 -3.56 18.80 28.19
CA SER B 273 -3.19 18.53 29.58
C SER B 273 -4.32 19.02 30.50
N ALA B 274 -3.96 19.50 31.71
CA ALA B 274 -4.73 20.48 32.49
C ALA B 274 -6.13 20.00 32.88
N ARG B 275 -6.63 18.99 32.15
CA ARG B 275 -7.76 18.16 32.53
C ARG B 275 -7.73 17.88 34.04
N ALA B 276 -6.61 17.28 34.50
CA ALA B 276 -6.47 16.70 35.83
C ALA B 276 -5.72 17.65 36.77
N ALA B 277 -5.98 18.96 36.59
CA ALA B 277 -5.60 19.97 37.58
C ALA B 277 -6.53 21.18 37.43
N LEU B 278 -7.84 20.90 37.19
CA LEU B 278 -8.83 21.96 37.00
C LEU B 278 -9.47 22.36 38.34
N GLY B 279 -8.71 22.14 39.43
CA GLY B 279 -9.14 22.47 40.78
C GLY B 279 -10.12 21.44 41.33
N GLY B 280 -11.20 21.20 40.56
CA GLY B 280 -12.36 20.48 41.03
C GLY B 280 -13.36 21.40 41.71
N THR B 281 -12.92 22.60 42.11
CA THR B 281 -13.57 23.42 43.13
C THR B 281 -14.48 24.49 42.49
N PHE B 282 -14.62 24.45 41.14
CA PHE B 282 -15.50 25.35 40.38
C PHE B 282 -16.38 24.49 39.49
N MET B 283 -17.26 25.14 38.70
CA MET B 283 -18.38 24.50 38.01
C MET B 283 -17.96 23.21 37.30
N PRO B 284 -18.56 22.03 37.61
CA PRO B 284 -18.15 20.77 36.98
C PRO B 284 -18.48 20.64 35.50
N VAL B 285 -17.71 19.76 34.86
CA VAL B 285 -17.82 19.40 33.46
C VAL B 285 -19.25 18.98 33.11
N ALA B 286 -19.84 18.16 34.00
CA ALA B 286 -21.15 17.59 33.77
C ALA B 286 -22.20 18.71 33.73
N ASP B 287 -22.03 19.73 34.56
CA ASP B 287 -22.94 20.88 34.58
C ASP B 287 -22.81 21.70 33.29
N MET B 288 -21.61 21.76 32.73
CA MET B 288 -21.38 22.52 31.51
C MET B 288 -22.02 21.84 30.30
N ILE B 289 -21.89 20.50 30.25
CA ILE B 289 -22.50 19.67 29.22
C ILE B 289 -24.02 19.82 29.25
N ASN B 290 -24.61 19.81 30.46
CA ASN B 290 -26.05 19.90 30.62
C ASN B 290 -26.56 21.26 30.17
N THR B 291 -25.85 22.34 30.48
CA THR B 291 -26.20 23.66 29.99
C THR B 291 -26.20 23.70 28.46
N LEU B 292 -25.10 23.21 27.87
CA LEU B 292 -24.94 23.24 26.42
C LEU B 292 -25.96 22.30 25.76
N GLY B 293 -26.31 21.22 26.47
CA GLY B 293 -27.32 20.26 26.04
C GLY B 293 -28.71 20.87 25.84
N SER B 294 -29.01 21.97 26.53
CA SER B 294 -30.31 22.60 26.46
C SER B 294 -30.37 23.67 25.36
N MET B 295 -29.31 23.83 24.57
CA MET B 295 -29.24 24.95 23.64
C MET B 295 -29.47 24.47 22.21
N ASP B 296 -29.85 25.40 21.32
CA ASP B 296 -30.11 25.05 19.91
C ASP B 296 -28.79 25.12 19.13
N ILE B 297 -27.92 24.15 19.44
CA ILE B 297 -26.58 24.05 18.88
C ILE B 297 -26.21 22.57 18.76
N ASP B 298 -25.11 22.32 18.00
CA ASP B 298 -24.41 21.06 18.03
C ASP B 298 -23.19 21.20 18.92
N VAL B 299 -23.00 20.23 19.83
CA VAL B 299 -21.89 20.27 20.77
C VAL B 299 -20.99 19.09 20.47
N VAL B 300 -19.66 19.36 20.38
CA VAL B 300 -18.64 18.33 20.36
C VAL B 300 -17.75 18.55 21.57
N ALA B 301 -17.67 17.54 22.45
CA ALA B 301 -16.91 17.65 23.68
C ALA B 301 -15.79 16.60 23.64
N ALA B 302 -14.54 17.10 23.60
CA ALA B 302 -13.34 16.28 23.71
C ALA B 302 -12.99 16.15 25.20
N LEU B 303 -13.25 14.96 25.74
CA LEU B 303 -13.20 14.71 27.18
C LEU B 303 -12.39 13.43 27.43
N PRO B 304 -11.66 13.41 28.57
CA PRO B 304 -10.82 12.28 28.94
C PRO B 304 -11.58 11.18 29.69
N PRO B 305 -11.22 9.89 29.47
CA PRO B 305 -11.95 8.78 30.10
C PRO B 305 -12.45 9.14 31.51
N GLU B 306 -11.62 9.87 32.26
CA GLU B 306 -11.93 10.35 33.61
C GLU B 306 -13.31 11.03 33.68
N GLU B 307 -13.44 12.17 33.01
CA GLU B 307 -14.62 13.01 33.16
C GLU B 307 -15.77 12.48 32.31
N VAL B 308 -15.51 11.45 31.48
CA VAL B 308 -16.50 10.77 30.66
C VAL B 308 -17.38 9.86 31.54
N GLU B 309 -16.76 9.20 32.54
CA GLU B 309 -17.46 8.36 33.49
C GLU B 309 -18.44 9.19 34.31
N ALA B 310 -18.06 10.46 34.54
CA ALA B 310 -18.81 11.40 35.36
C ALA B 310 -20.31 11.41 35.03
N LEU B 311 -20.66 11.51 33.74
CA LEU B 311 -21.96 12.03 33.34
C LEU B 311 -23.03 10.96 33.45
N GLU B 312 -24.21 11.37 33.95
CA GLU B 312 -25.42 10.57 33.94
C GLU B 312 -25.90 10.42 32.50
N LYS B 313 -26.48 11.48 31.93
CA LYS B 313 -26.98 11.45 30.56
C LYS B 313 -25.95 12.08 29.63
N VAL B 314 -26.04 11.73 28.35
CA VAL B 314 -25.45 12.52 27.29
C VAL B 314 -26.56 13.21 26.52
N PRO B 315 -26.70 14.56 26.55
CA PRO B 315 -27.68 15.26 25.75
C PRO B 315 -27.77 14.84 24.28
N ALA B 316 -28.94 15.07 23.69
CA ALA B 316 -29.21 14.69 22.31
C ALA B 316 -28.29 15.45 21.34
N ASN B 317 -27.97 16.70 21.69
CA ASN B 317 -27.24 17.59 20.77
C ASN B 317 -25.72 17.47 20.93
N THR B 318 -25.27 16.51 21.76
CA THR B 318 -23.90 16.45 22.22
C THR B 318 -23.22 15.15 21.77
N ARG B 319 -22.08 15.29 21.11
CA ARG B 319 -21.22 14.19 20.73
C ARG B 319 -19.96 14.25 21.57
N ILE B 320 -19.54 13.09 22.06
CA ILE B 320 -18.39 12.97 22.94
C ILE B 320 -17.30 12.18 22.23
N VAL B 321 -16.06 12.68 22.37
CA VAL B 321 -14.88 12.10 21.74
C VAL B 321 -13.76 12.14 22.79
N ASP B 322 -12.89 11.12 22.73
CA ASP B 322 -11.62 11.09 23.44
C ASP B 322 -10.62 11.90 22.63
N PHE B 323 -10.43 11.46 21.39
CA PHE B 323 -9.55 12.12 20.46
C PHE B 323 -10.40 12.88 19.46
N VAL B 324 -10.06 14.14 19.12
CA VAL B 324 -10.52 14.72 17.86
C VAL B 324 -9.39 15.57 17.31
N PRO B 325 -9.15 15.54 15.99
CA PRO B 325 -8.29 16.52 15.33
C PRO B 325 -8.98 17.88 15.36
N LEU B 326 -8.55 18.65 16.35
CA LEU B 326 -9.11 19.97 16.62
C LEU B 326 -9.03 20.86 15.36
N HIS B 327 -7.95 20.78 14.59
CA HIS B 327 -7.78 21.60 13.40
C HIS B 327 -8.83 21.26 12.34
N ALA B 328 -9.21 19.99 12.27
CA ALA B 328 -10.23 19.52 11.34
C ALA B 328 -11.63 19.84 11.87
N LEU B 329 -11.79 19.85 13.19
CA LEU B 329 -13.07 20.12 13.83
C LEU B 329 -13.47 21.60 13.80
N LEU B 330 -12.50 22.53 13.93
CA LEU B 330 -12.83 23.92 14.15
C LEU B 330 -13.26 24.67 12.89
N PRO B 331 -12.90 24.27 11.65
CA PRO B 331 -13.44 24.98 10.47
C PRO B 331 -14.96 24.97 10.49
N GLY B 332 -15.60 26.14 10.37
CA GLY B 332 -17.06 26.23 10.40
C GLY B 332 -17.67 26.21 11.81
N ALA B 333 -16.93 25.80 12.84
CA ALA B 333 -17.42 25.87 14.21
C ALA B 333 -17.67 27.33 14.59
N SER B 334 -18.56 27.54 15.57
CA SER B 334 -18.94 28.90 15.96
C SER B 334 -18.20 29.35 17.22
N VAL B 335 -17.95 28.41 18.16
CA VAL B 335 -17.35 28.74 19.44
C VAL B 335 -16.44 27.59 19.88
N LEU B 336 -15.27 27.95 20.43
CA LEU B 336 -14.46 27.00 21.19
C LEU B 336 -14.41 27.44 22.64
N ILE B 337 -14.71 26.50 23.54
CA ILE B 337 -14.64 26.70 24.97
C ILE B 337 -13.45 25.92 25.52
N HIS B 338 -12.53 26.62 26.20
CA HIS B 338 -11.32 25.97 26.70
C HIS B 338 -10.68 26.84 27.80
N HIS B 339 -9.62 26.30 28.42
CA HIS B 339 -8.97 26.88 29.61
C HIS B 339 -7.82 27.83 29.25
N GLY B 340 -7.48 27.96 27.96
CA GLY B 340 -6.49 28.94 27.51
C GLY B 340 -5.14 28.34 27.08
N GLY B 341 -5.08 27.00 27.01
CA GLY B 341 -3.97 26.31 26.39
C GLY B 341 -3.74 26.74 24.94
N PHE B 342 -2.47 26.68 24.50
CA PHE B 342 -2.09 27.29 23.23
C PHE B 342 -2.62 26.50 22.04
N GLY B 343 -2.68 25.17 22.15
CA GLY B 343 -3.18 24.34 21.06
C GLY B 343 -4.59 24.75 20.65
N SER B 344 -5.47 24.88 21.64
CA SER B 344 -6.84 25.31 21.46
C SER B 344 -6.89 26.77 20.98
N TRP B 345 -6.18 27.65 21.72
CA TRP B 345 -6.18 29.07 21.43
C TRP B 345 -5.73 29.33 20.00
N GLY B 346 -4.59 28.72 19.63
CA GLY B 346 -3.99 28.94 18.34
C GLY B 346 -4.81 28.34 17.20
N THR B 347 -5.39 27.15 17.43
CA THR B 347 -6.12 26.47 16.39
C THR B 347 -7.45 27.21 16.12
N ALA B 348 -8.11 27.68 17.19
CA ALA B 348 -9.29 28.52 17.02
C ALA B 348 -8.90 29.81 16.32
N LEU B 349 -7.74 30.38 16.67
CA LEU B 349 -7.34 31.64 16.09
C LEU B 349 -7.16 31.51 14.57
N VAL B 350 -6.52 30.43 14.10
CA VAL B 350 -6.23 30.33 12.68
C VAL B 350 -7.52 29.99 11.92
N ASN B 351 -8.55 29.50 12.62
CA ASN B 351 -9.81 29.19 11.98
C ASN B 351 -10.83 30.34 12.15
N GLY B 352 -10.43 31.44 12.81
CA GLY B 352 -11.31 32.57 13.00
C GLY B 352 -12.50 32.29 13.94
N VAL B 353 -12.37 31.29 14.83
CA VAL B 353 -13.45 30.89 15.72
C VAL B 353 -13.38 31.68 17.02
N PRO B 354 -14.47 32.41 17.39
CA PRO B 354 -14.57 33.05 18.71
C PRO B 354 -14.40 32.02 19.84
N GLN B 355 -13.72 32.51 20.88
CA GLN B 355 -13.33 31.64 21.99
C GLN B 355 -13.99 32.15 23.27
N PHE B 356 -14.42 31.19 24.08
CA PHE B 356 -14.86 31.44 25.44
C PHE B 356 -13.91 30.71 26.38
N ILE B 357 -13.24 31.50 27.23
CA ILE B 357 -12.16 31.00 28.06
C ILE B 357 -12.48 31.26 29.53
N PRO B 358 -13.14 30.29 30.21
CA PRO B 358 -13.26 30.32 31.66
C PRO B 358 -12.02 29.69 32.29
N THR B 359 -11.23 30.51 32.99
CA THR B 359 -9.88 30.07 33.34
C THR B 359 -9.41 30.78 34.62
N ILE B 360 -8.17 30.48 35.00
CA ILE B 360 -7.52 30.95 36.21
C ILE B 360 -6.23 31.69 35.85
N ARG B 361 -5.67 32.42 36.82
CA ARG B 361 -4.40 33.10 36.61
C ARG B 361 -3.25 32.11 36.86
N TYR B 362 -3.13 31.17 35.93
CA TYR B 362 -2.06 30.20 35.91
C TYR B 362 -1.37 30.29 34.55
N ALA B 363 -0.03 30.19 34.56
CA ALA B 363 0.76 30.42 33.37
C ALA B 363 0.23 31.69 32.68
N ASP B 364 0.02 31.62 31.35
CA ASP B 364 -0.45 32.77 30.60
C ASP B 364 -1.93 32.60 30.23
N TRP B 365 -2.62 31.65 30.87
CA TRP B 365 -3.98 31.33 30.47
C TRP B 365 -4.90 32.55 30.54
N TRP B 366 -4.73 33.32 31.61
CA TRP B 366 -5.58 34.49 31.83
C TRP B 366 -5.32 35.52 30.74
N ASN B 367 -4.05 35.71 30.38
CA ASN B 367 -3.63 36.63 29.34
C ASN B 367 -4.17 36.17 27.97
N LYS B 368 -4.22 34.85 27.78
CA LYS B 368 -4.77 34.30 26.55
C LYS B 368 -6.24 34.72 26.44
N GLY B 369 -6.98 34.62 27.54
CA GLY B 369 -8.37 35.06 27.61
C GLY B 369 -8.53 36.57 27.45
N THR B 370 -7.79 37.33 28.24
CA THR B 370 -7.90 38.78 28.31
C THR B 370 -7.53 39.41 26.97
N SER B 371 -6.47 38.89 26.32
CA SER B 371 -6.01 39.44 25.05
C SER B 371 -7.15 39.40 24.02
N LEU B 372 -7.87 38.27 23.95
CA LEU B 372 -8.97 38.12 23.01
C LEU B 372 -10.15 39.00 23.42
N HIS B 373 -10.45 39.01 24.74
CA HIS B 373 -11.52 39.83 25.28
C HIS B 373 -11.36 41.29 24.90
N GLU B 374 -10.17 41.87 25.17
CA GLU B 374 -9.92 43.28 24.87
C GLU B 374 -9.98 43.54 23.36
N ALA B 375 -9.64 42.55 22.53
CA ALA B 375 -9.68 42.73 21.09
C ALA B 375 -11.11 42.57 20.55
N GLY B 376 -12.03 42.10 21.40
CA GLY B 376 -13.41 41.88 21.00
C GLY B 376 -13.62 40.59 20.21
N ALA B 377 -12.64 39.66 20.27
CA ALA B 377 -12.68 38.44 19.47
C ALA B 377 -13.20 37.24 20.26
N GLY B 378 -13.28 37.38 21.59
CA GLY B 378 -13.81 36.33 22.44
C GLY B 378 -14.13 36.87 23.83
N LEU B 379 -14.38 35.96 24.77
CA LEU B 379 -14.77 36.30 26.13
C LEU B 379 -13.95 35.49 27.11
N VAL B 380 -13.48 36.15 28.18
CA VAL B 380 -12.83 35.51 29.31
C VAL B 380 -13.70 35.72 30.55
N VAL B 381 -13.70 34.71 31.42
CA VAL B 381 -14.28 34.85 32.75
C VAL B 381 -13.43 34.01 33.70
N HIS B 382 -13.35 34.41 34.98
CA HIS B 382 -12.68 33.59 35.96
C HIS B 382 -13.47 32.31 36.18
N ALA B 383 -12.79 31.17 36.25
CA ALA B 383 -13.42 29.86 36.37
C ALA B 383 -14.36 29.80 37.58
N SER B 384 -14.00 30.52 38.65
CA SER B 384 -14.76 30.50 39.89
C SER B 384 -16.11 31.19 39.73
N GLU B 385 -16.23 32.09 38.75
CA GLU B 385 -17.46 32.81 38.48
C GLU B 385 -18.32 32.13 37.41
N LEU B 386 -17.96 30.91 36.99
CA LEU B 386 -18.67 30.31 35.86
C LEU B 386 -19.91 29.60 36.39
N THR B 387 -21.06 30.02 35.85
CA THR B 387 -22.36 29.45 36.13
C THR B 387 -23.02 29.00 34.84
N ALA B 388 -24.11 28.23 34.96
CA ALA B 388 -24.91 27.85 33.79
C ALA B 388 -25.38 29.10 33.05
N GLU B 389 -25.72 30.16 33.78
CA GLU B 389 -26.25 31.38 33.18
C GLU B 389 -25.15 32.12 32.41
N VAL B 390 -23.94 32.20 32.98
CA VAL B 390 -22.82 32.88 32.34
C VAL B 390 -22.38 32.10 31.10
N LEU B 391 -22.27 30.76 31.23
CA LEU B 391 -21.93 29.88 30.12
C LEU B 391 -22.90 30.11 28.94
N ARG B 392 -24.21 29.99 29.22
CA ARG B 392 -25.26 30.12 28.22
C ARG B 392 -25.18 31.51 27.57
N GLU B 393 -25.09 32.55 28.39
CA GLU B 393 -25.17 33.91 27.88
C GLU B 393 -23.94 34.23 27.03
N SER B 394 -22.76 33.77 27.46
CA SER B 394 -21.51 34.02 26.75
C SER B 394 -21.53 33.37 25.38
N VAL B 395 -21.95 32.08 25.34
CA VAL B 395 -22.03 31.35 24.08
C VAL B 395 -23.02 32.06 23.14
N GLU B 396 -24.20 32.43 23.66
CA GLU B 396 -25.22 33.11 22.86
C GLU B 396 -24.62 34.38 22.24
N ARG B 397 -23.87 35.14 23.04
CA ARG B 397 -23.32 36.40 22.60
C ARG B 397 -22.31 36.18 21.47
N LEU B 398 -21.46 35.14 21.59
CA LEU B 398 -20.42 34.86 20.61
C LEU B 398 -21.03 34.35 19.30
N VAL B 399 -22.17 33.65 19.42
CA VAL B 399 -22.91 33.18 18.24
C VAL B 399 -23.65 34.33 17.57
N GLU B 400 -24.37 35.16 18.34
CA GLU B 400 -25.34 36.10 17.79
C GLU B 400 -24.67 37.41 17.38
N ASP B 401 -23.78 37.93 18.23
CA ASP B 401 -23.11 39.19 17.96
C ASP B 401 -21.97 38.96 16.98
N ALA B 402 -22.12 39.53 15.78
CA ALA B 402 -21.22 39.30 14.65
C ALA B 402 -19.87 39.99 14.85
N SER B 403 -19.77 40.90 15.83
CA SER B 403 -18.56 41.65 16.08
C SER B 403 -17.42 40.74 16.57
N TYR B 404 -17.81 39.63 17.22
CA TYR B 404 -16.88 38.62 17.69
C TYR B 404 -16.20 37.91 16.52
N ARG B 405 -17.00 37.33 15.60
CA ARG B 405 -16.44 36.72 14.40
C ARG B 405 -15.58 37.71 13.62
N GLU B 406 -15.98 38.98 13.56
CA GLU B 406 -15.24 39.96 12.76
C GLU B 406 -13.87 40.23 13.38
N ALA B 407 -13.82 40.36 14.71
CA ALA B 407 -12.57 40.57 15.42
C ALA B 407 -11.69 39.31 15.34
N ALA B 408 -12.28 38.11 15.47
CA ALA B 408 -11.57 36.85 15.31
C ALA B 408 -10.95 36.76 13.91
N GLU B 409 -11.68 37.26 12.92
CA GLU B 409 -11.26 37.19 11.53
C GLU B 409 -10.05 38.10 11.32
N ARG B 410 -10.02 39.25 11.99
CA ARG B 410 -8.88 40.14 11.93
C ARG B 410 -7.61 39.44 12.47
N LEU B 411 -7.75 38.68 13.56
CA LEU B 411 -6.63 37.97 14.16
C LEU B 411 -6.17 36.83 13.24
N ARG B 412 -7.14 36.13 12.65
CA ARG B 412 -6.86 35.11 11.67
C ARG B 412 -5.98 35.71 10.57
N GLU B 413 -6.34 36.89 10.07
CA GLU B 413 -5.62 37.53 8.99
C GLU B 413 -4.22 37.94 9.45
N GLU B 414 -4.10 38.38 10.72
CA GLU B 414 -2.80 38.75 11.26
C GLU B 414 -1.88 37.53 11.27
N ASN B 415 -2.36 36.38 11.76
CA ASN B 415 -1.61 35.13 11.75
C ASN B 415 -1.16 34.79 10.33
N GLN B 416 -2.09 34.95 9.38
CA GLN B 416 -1.90 34.57 7.99
C GLN B 416 -0.84 35.45 7.33
N ARG B 417 -0.64 36.67 7.82
CA ARG B 417 0.41 37.54 7.30
C ARG B 417 1.77 37.23 7.93
N THR B 418 1.81 36.45 9.01
CA THR B 418 3.07 36.13 9.64
C THR B 418 3.82 35.12 8.76
N PRO B 419 5.15 35.29 8.58
CA PRO B 419 5.97 34.29 7.90
C PRO B 419 5.80 32.90 8.52
N THR B 420 5.77 31.89 7.65
CA THR B 420 5.64 30.50 8.05
C THR B 420 6.94 30.00 8.65
N PRO B 421 6.89 28.85 9.36
CA PRO B 421 8.12 28.12 9.71
C PRO B 421 9.09 28.00 8.54
N HIS B 422 8.57 27.60 7.37
CA HIS B 422 9.35 27.56 6.13
C HIS B 422 10.09 28.87 5.94
N ASP B 423 9.39 30.01 5.99
CA ASP B 423 9.98 31.30 5.70
C ASP B 423 11.05 31.68 6.73
N VAL B 424 10.93 31.25 8.00
CA VAL B 424 11.88 31.69 8.99
C VAL B 424 13.09 30.74 9.07
N VAL B 425 13.09 29.63 8.34
CA VAL B 425 14.23 28.74 8.36
C VAL B 425 15.54 29.50 8.09
N PRO B 426 15.67 30.29 7.00
CA PRO B 426 16.92 31.01 6.72
C PRO B 426 17.33 32.01 7.80
N VAL B 427 16.34 32.66 8.43
CA VAL B 427 16.57 33.58 9.54
C VAL B 427 17.23 32.82 10.70
N ILE B 428 16.71 31.63 11.02
CA ILE B 428 17.24 30.80 12.08
C ILE B 428 18.65 30.34 11.74
N GLU B 429 18.91 30.01 10.46
CA GLU B 429 20.23 29.63 9.98
C GLU B 429 21.23 30.77 10.21
N GLU B 430 20.86 31.99 9.81
CA GLU B 430 21.73 33.16 9.93
C GLU B 430 21.99 33.49 11.40
N LEU B 431 20.94 33.44 12.23
CA LEU B 431 21.10 33.75 13.64
C LEU B 431 21.99 32.72 14.31
N THR B 432 21.92 31.46 13.85
CA THR B 432 22.76 30.41 14.41
C THR B 432 24.24 30.67 14.08
N ALA B 433 24.51 31.06 12.83
CA ALA B 433 25.85 31.41 12.39
C ALA B 433 26.40 32.56 13.23
N GLU B 434 25.57 33.60 13.41
CA GLU B 434 25.95 34.80 14.13
C GLU B 434 26.25 34.49 15.61
N HIS B 435 25.43 33.67 16.27
CA HIS B 435 25.46 33.59 17.74
C HIS B 435 26.14 32.31 18.22
N GLY B 436 26.34 31.34 17.34
CA GLY B 436 26.84 30.04 17.81
C GLY B 436 28.37 30.03 17.82
N ARG B 437 28.94 28.83 17.92
CA ARG B 437 30.38 28.58 17.72
C ARG B 437 30.89 29.32 16.47
N HIS C 20 -29.81 -26.07 -47.27
CA HIS C 20 -28.33 -26.21 -47.32
C HIS C 20 -27.68 -25.04 -46.58
N MET C 21 -26.83 -25.35 -45.60
CA MET C 21 -26.19 -24.35 -44.75
C MET C 21 -24.68 -24.31 -45.05
N ARG C 22 -24.08 -23.14 -44.76
CA ARG C 22 -22.64 -23.05 -44.57
C ARG C 22 -22.37 -23.03 -43.07
N ILE C 23 -21.53 -23.97 -42.63
CA ILE C 23 -21.28 -24.18 -41.21
C ILE C 23 -19.78 -24.05 -40.98
N LEU C 24 -19.42 -23.11 -40.10
CA LEU C 24 -18.02 -22.88 -39.75
C LEU C 24 -17.76 -23.45 -38.36
N PHE C 25 -16.86 -24.44 -38.30
CA PHE C 25 -16.33 -24.93 -37.03
C PHE C 25 -15.12 -24.07 -36.67
N ALA C 26 -15.01 -23.70 -35.40
CA ALA C 26 -13.88 -22.94 -34.89
C ALA C 26 -13.33 -23.62 -33.64
N THR C 27 -12.01 -23.84 -33.65
CA THR C 27 -11.31 -24.42 -32.52
C THR C 27 -9.93 -23.78 -32.37
N VAL C 28 -9.53 -23.70 -31.10
CA VAL C 28 -8.16 -23.43 -30.70
C VAL C 28 -7.28 -24.49 -31.33
N SER C 29 -5.97 -24.18 -31.46
CA SER C 29 -5.06 -25.03 -32.18
C SER C 29 -4.56 -26.18 -31.28
N GLU C 30 -5.51 -27.01 -30.80
CA GLU C 30 -5.17 -28.25 -30.12
C GLU C 30 -5.79 -29.41 -30.90
N LYS C 31 -4.97 -30.35 -31.36
CA LYS C 31 -5.48 -31.54 -32.04
C LYS C 31 -6.50 -32.26 -31.15
N SER C 32 -6.25 -32.34 -29.84
CA SER C 32 -7.11 -33.05 -28.92
C SER C 32 -8.52 -32.45 -28.91
N HIS C 33 -8.62 -31.13 -28.97
CA HIS C 33 -9.90 -30.44 -29.07
C HIS C 33 -10.56 -30.70 -30.43
N LEU C 34 -9.79 -30.50 -31.51
CA LEU C 34 -10.27 -30.72 -32.87
C LEU C 34 -10.92 -32.08 -33.03
N PHE C 35 -10.26 -33.14 -32.56
CA PHE C 35 -10.73 -34.50 -32.78
C PHE C 35 -12.10 -34.74 -32.14
N THR C 36 -12.43 -34.01 -31.07
CA THR C 36 -13.72 -34.17 -30.41
C THR C 36 -14.86 -33.66 -31.28
N MET C 37 -14.54 -32.82 -32.28
CA MET C 37 -15.56 -32.12 -33.06
C MET C 37 -15.84 -32.82 -34.38
N VAL C 38 -15.00 -33.81 -34.75
CA VAL C 38 -14.97 -34.31 -36.11
C VAL C 38 -16.25 -35.08 -36.42
N PRO C 39 -16.77 -35.99 -35.56
CA PRO C 39 -18.00 -36.69 -35.89
C PRO C 39 -19.20 -35.76 -36.13
N LEU C 40 -19.33 -34.70 -35.33
CA LEU C 40 -20.46 -33.80 -35.52
C LEU C 40 -20.30 -33.03 -36.84
N ALA C 41 -19.08 -32.56 -37.11
CA ALA C 41 -18.78 -31.88 -38.36
C ALA C 41 -19.15 -32.77 -39.55
N TRP C 42 -18.75 -34.04 -39.52
CA TRP C 42 -19.05 -34.96 -40.61
C TRP C 42 -20.53 -35.31 -40.67
N SER C 43 -21.24 -35.32 -39.53
CA SER C 43 -22.67 -35.59 -39.56
C SER C 43 -23.38 -34.50 -40.38
N LEU C 44 -22.92 -33.25 -40.23
CA LEU C 44 -23.54 -32.12 -40.89
C LEU C 44 -23.18 -32.11 -42.37
N ALA C 45 -21.92 -32.43 -42.69
CA ALA C 45 -21.47 -32.54 -44.05
C ALA C 45 -22.24 -33.65 -44.78
N ALA C 46 -22.52 -34.75 -44.07
CA ALA C 46 -23.21 -35.90 -44.64
C ALA C 46 -24.66 -35.57 -44.96
N ALA C 47 -25.21 -34.55 -44.29
CA ALA C 47 -26.57 -34.09 -44.54
C ALA C 47 -26.60 -33.01 -45.63
N GLY C 48 -25.46 -32.77 -46.29
CA GLY C 48 -25.44 -31.91 -47.46
C GLY C 48 -24.94 -30.49 -47.19
N HIS C 49 -24.61 -30.17 -45.92
CA HIS C 49 -24.13 -28.85 -45.57
C HIS C 49 -22.65 -28.72 -45.91
N GLU C 50 -22.21 -27.49 -46.18
CA GLU C 50 -20.80 -27.20 -46.36
C GLU C 50 -20.18 -26.92 -45.00
N VAL C 51 -19.11 -27.65 -44.66
CA VAL C 51 -18.52 -27.57 -43.34
C VAL C 51 -17.05 -27.25 -43.51
N HIS C 52 -16.63 -26.09 -42.96
CA HIS C 52 -15.25 -25.67 -42.96
C HIS C 52 -14.80 -25.53 -41.51
N VAL C 53 -13.55 -25.94 -41.27
CA VAL C 53 -12.99 -25.95 -39.92
C VAL C 53 -11.83 -24.96 -39.88
N ALA C 54 -11.99 -23.93 -39.05
CA ALA C 54 -11.01 -22.86 -38.93
C ALA C 54 -10.23 -22.98 -37.63
N SER C 55 -8.91 -22.83 -37.76
CA SER C 55 -8.00 -22.68 -36.62
C SER C 55 -6.70 -22.06 -37.12
N ASN C 56 -5.76 -21.86 -36.19
CA ASN C 56 -4.43 -21.32 -36.46
C ASN C 56 -3.70 -22.25 -37.44
N PRO C 57 -2.74 -21.74 -38.24
CA PRO C 57 -2.09 -22.55 -39.28
C PRO C 57 -1.43 -23.84 -38.77
N ALA C 58 -0.97 -23.86 -37.52
CA ALA C 58 -0.35 -25.06 -36.96
C ALA C 58 -1.28 -26.26 -37.00
N LEU C 59 -2.61 -26.06 -37.00
CA LEU C 59 -3.56 -27.16 -36.94
C LEU C 59 -4.05 -27.60 -38.32
N THR C 60 -3.65 -26.90 -39.38
CA THR C 60 -4.13 -27.18 -40.72
C THR C 60 -3.85 -28.64 -41.10
N ALA C 61 -2.66 -29.18 -40.81
CA ALA C 61 -2.35 -30.54 -41.21
C ALA C 61 -3.31 -31.52 -40.52
N SER C 62 -3.58 -31.28 -39.23
CA SER C 62 -4.49 -32.14 -38.48
C SER C 62 -5.90 -32.08 -39.06
N ILE C 63 -6.39 -30.88 -39.41
CA ILE C 63 -7.72 -30.77 -39.98
C ILE C 63 -7.81 -31.58 -41.27
N LYS C 64 -6.78 -31.48 -42.11
CA LYS C 64 -6.79 -32.08 -43.44
C LYS C 64 -6.85 -33.61 -43.35
N SER C 65 -6.30 -34.21 -42.29
CA SER C 65 -6.36 -35.64 -42.07
C SER C 65 -7.69 -36.12 -41.47
N THR C 66 -8.63 -35.22 -41.22
CA THR C 66 -9.98 -35.60 -40.77
C THR C 66 -10.93 -35.77 -41.95
N GLY C 67 -10.49 -35.42 -43.16
CA GLY C 67 -11.35 -35.38 -44.33
C GLY C 67 -12.08 -34.05 -44.50
N LEU C 68 -12.01 -33.17 -43.50
CA LEU C 68 -12.71 -31.90 -43.51
C LEU C 68 -11.84 -30.83 -44.15
N THR C 69 -12.51 -29.82 -44.72
CA THR C 69 -11.85 -28.67 -45.32
C THR C 69 -11.32 -27.74 -44.22
N ALA C 70 -10.01 -27.45 -44.30
CA ALA C 70 -9.33 -26.58 -43.36
C ALA C 70 -9.36 -25.13 -43.84
N VAL C 71 -9.52 -24.20 -42.90
CA VAL C 71 -9.38 -22.77 -43.17
C VAL C 71 -8.35 -22.21 -42.19
N PRO C 72 -7.05 -22.09 -42.58
CA PRO C 72 -6.06 -21.48 -41.67
C PRO C 72 -6.36 -20.00 -41.46
N VAL C 73 -6.38 -19.56 -40.19
CA VAL C 73 -6.68 -18.18 -39.88
C VAL C 73 -5.66 -17.66 -38.88
N GLY C 74 -5.21 -16.42 -39.14
CA GLY C 74 -4.33 -15.71 -38.22
C GLY C 74 -2.94 -16.35 -38.14
N LYS C 75 -2.32 -16.20 -36.97
CA LYS C 75 -0.94 -16.64 -36.78
C LYS C 75 -0.90 -17.54 -35.55
N ASP C 76 0.22 -18.25 -35.40
CA ASP C 76 0.43 -19.15 -34.28
C ASP C 76 0.83 -18.35 -33.04
N HIS C 77 0.55 -18.93 -31.87
CA HIS C 77 0.62 -18.28 -30.58
C HIS C 77 1.75 -18.91 -29.78
N ASN C 78 1.86 -18.55 -28.48
CA ASN C 78 2.93 -18.96 -27.60
C ASN C 78 2.43 -19.98 -26.55
N LEU C 79 2.17 -21.15 -27.12
CA LEU C 79 1.90 -22.38 -26.41
C LEU C 79 2.98 -22.61 -25.33
N HIS C 80 4.26 -22.41 -25.67
CA HIS C 80 5.36 -22.74 -24.77
C HIS C 80 5.37 -21.87 -23.52
N GLU C 81 5.10 -20.56 -23.70
CA GLU C 81 4.99 -19.64 -22.58
C GLU C 81 3.77 -20.00 -21.72
N SER C 89 4.09 -24.22 -10.98
CA SER C 89 2.81 -23.54 -10.61
C SER C 89 1.74 -23.93 -11.63
N LEU C 90 1.84 -25.16 -12.13
CA LEU C 90 1.05 -25.69 -13.24
C LEU C 90 -0.42 -25.88 -12.81
N GLU C 91 -0.64 -26.70 -11.78
CA GLU C 91 -1.86 -26.68 -11.00
C GLU C 91 -1.69 -25.66 -9.88
N ASN C 92 -2.43 -24.55 -10.02
CA ASN C 92 -2.39 -23.48 -9.02
C ASN C 92 -3.83 -23.07 -8.66
N PRO C 93 -4.11 -22.53 -7.47
CA PRO C 93 -5.50 -22.27 -7.07
C PRO C 93 -6.34 -21.45 -8.05
N LEU C 94 -5.73 -20.53 -8.80
CA LEU C 94 -6.45 -19.65 -9.72
C LEU C 94 -6.80 -20.33 -11.05
N SER C 95 -6.13 -21.45 -11.35
CA SER C 95 -6.43 -22.22 -12.54
C SER C 95 -7.32 -23.41 -12.22
N ASP C 96 -7.72 -23.54 -10.94
CA ASP C 96 -8.54 -24.64 -10.48
C ASP C 96 -10.00 -24.20 -10.56
N TRP C 97 -10.69 -24.67 -11.62
CA TRP C 97 -12.13 -24.47 -11.76
C TRP C 97 -12.90 -25.75 -11.43
N SER C 98 -12.27 -26.66 -10.66
CA SER C 98 -12.79 -28.00 -10.43
C SER C 98 -14.02 -28.02 -9.52
N THR C 99 -14.22 -26.99 -8.70
CA THR C 99 -15.37 -26.91 -7.80
C THR C 99 -16.08 -25.58 -7.98
N PRO C 100 -16.73 -25.35 -9.15
CA PRO C 100 -17.34 -24.05 -9.43
C PRO C 100 -18.67 -23.84 -8.71
N GLU C 101 -18.60 -23.51 -7.41
CA GLU C 101 -19.77 -23.42 -6.55
C GLU C 101 -19.71 -22.10 -5.77
N LEU C 102 -20.90 -21.50 -5.58
CA LEU C 102 -21.07 -20.27 -4.81
C LEU C 102 -20.37 -20.37 -3.46
N ASP C 103 -20.63 -21.49 -2.75
CA ASP C 103 -20.09 -21.77 -1.44
C ASP C 103 -18.57 -21.62 -1.38
N ARG C 104 -17.88 -21.73 -2.52
CA ARG C 104 -16.43 -21.77 -2.47
C ARG C 104 -15.83 -20.52 -3.12
N HIS C 105 -16.69 -19.56 -3.50
CA HIS C 105 -16.26 -18.38 -4.26
C HIS C 105 -16.92 -17.14 -3.71
N SER C 106 -16.13 -16.27 -3.09
CA SER C 106 -16.47 -14.86 -2.94
C SER C 106 -16.50 -14.21 -4.30
N TRP C 107 -17.06 -13.01 -4.39
CA TRP C 107 -17.00 -12.21 -5.59
C TRP C 107 -15.55 -12.08 -6.09
N GLU C 108 -14.64 -11.75 -5.18
CA GLU C 108 -13.31 -11.40 -5.63
C GLU C 108 -12.55 -12.66 -6.04
N GLN C 109 -12.90 -13.82 -5.48
CA GLN C 109 -12.27 -15.07 -5.88
C GLN C 109 -12.68 -15.45 -7.32
N VAL C 110 -13.98 -15.40 -7.62
CA VAL C 110 -14.47 -15.78 -8.94
C VAL C 110 -14.06 -14.72 -9.97
N LEU C 111 -14.09 -13.43 -9.60
CA LEU C 111 -13.66 -12.39 -10.50
C LEU C 111 -12.19 -12.62 -10.89
N MET C 112 -11.37 -12.95 -9.89
CA MET C 112 -9.96 -13.13 -10.11
C MET C 112 -9.72 -14.33 -11.07
N LYS C 113 -10.53 -15.38 -10.94
CA LYS C 113 -10.42 -16.55 -11.80
C LYS C 113 -10.72 -16.18 -13.25
N PHE C 114 -11.75 -15.37 -13.47
CA PHE C 114 -12.08 -14.90 -14.82
C PHE C 114 -10.99 -13.99 -15.35
N LYS C 115 -10.42 -13.12 -14.50
CA LYS C 115 -9.40 -12.20 -14.97
C LYS C 115 -8.19 -12.99 -15.46
N VAL C 116 -7.76 -13.97 -14.67
CA VAL C 116 -6.54 -14.71 -14.99
C VAL C 116 -6.76 -15.68 -16.15
N SER C 117 -7.94 -16.29 -16.25
CA SER C 117 -8.22 -17.23 -17.32
C SER C 117 -8.34 -16.50 -18.66
N VAL C 118 -8.97 -15.32 -18.65
CA VAL C 118 -9.03 -14.48 -19.84
C VAL C 118 -7.62 -14.03 -20.26
N MET C 119 -6.82 -13.51 -19.32
CA MET C 119 -5.51 -12.96 -19.62
C MET C 119 -4.57 -14.05 -20.10
N PHE C 120 -4.53 -15.18 -19.38
CA PHE C 120 -3.50 -16.17 -19.66
C PHE C 120 -3.92 -17.16 -20.76
N ALA C 121 -5.13 -17.72 -20.67
CA ALA C 121 -5.50 -18.82 -21.54
C ALA C 121 -6.29 -18.32 -22.76
N TYR C 122 -7.43 -17.66 -22.49
CA TYR C 122 -8.40 -17.43 -23.55
C TYR C 122 -7.83 -16.44 -24.60
N GLN C 123 -7.16 -15.39 -24.12
CA GLN C 123 -6.62 -14.38 -25.04
C GLN C 123 -5.47 -14.98 -25.84
N THR C 124 -4.59 -15.75 -25.19
CA THR C 124 -3.48 -16.36 -25.89
C THR C 124 -3.99 -17.26 -27.02
N TYR C 125 -4.99 -18.10 -26.72
CA TYR C 125 -5.55 -19.05 -27.67
C TYR C 125 -6.25 -18.36 -28.84
N ASN C 126 -6.91 -17.22 -28.57
CA ASN C 126 -7.89 -16.67 -29.49
C ASN C 126 -7.45 -15.37 -30.18
N ASP C 127 -6.67 -14.49 -29.53
CA ASP C 127 -6.44 -13.15 -30.08
C ASP C 127 -5.59 -13.22 -31.35
N CYS C 128 -4.76 -14.27 -31.44
CA CYS C 128 -3.92 -14.50 -32.60
C CYS C 128 -4.73 -14.79 -33.88
N MET C 129 -6.06 -15.02 -33.78
CA MET C 129 -6.80 -15.42 -34.97
C MET C 129 -8.18 -14.78 -35.05
N VAL C 130 -8.62 -14.06 -34.01
CA VAL C 130 -10.01 -13.66 -33.95
C VAL C 130 -10.39 -12.73 -35.11
N HIS C 131 -9.49 -11.78 -35.46
CA HIS C 131 -9.81 -10.79 -36.49
C HIS C 131 -9.87 -11.44 -37.87
N GLU C 132 -8.95 -12.36 -38.12
CA GLU C 132 -8.92 -13.14 -39.36
C GLU C 132 -10.15 -14.04 -39.45
N LEU C 133 -10.63 -14.55 -38.31
CA LEU C 133 -11.82 -15.39 -38.30
C LEU C 133 -13.07 -14.55 -38.59
N VAL C 134 -13.13 -13.34 -38.02
CA VAL C 134 -14.24 -12.44 -38.30
C VAL C 134 -14.27 -12.11 -39.80
N ASP C 135 -13.08 -11.86 -40.38
CA ASP C 135 -12.92 -11.56 -41.79
C ASP C 135 -13.46 -12.71 -42.64
N TYR C 136 -13.01 -13.93 -42.32
CA TYR C 136 -13.46 -15.08 -43.08
C TYR C 136 -14.98 -15.23 -42.99
N ALA C 137 -15.53 -15.05 -41.78
CA ALA C 137 -16.96 -15.16 -41.58
C ALA C 137 -17.71 -14.11 -42.41
N ARG C 138 -17.13 -12.91 -42.53
CA ARG C 138 -17.74 -11.85 -43.31
C ARG C 138 -17.76 -12.23 -44.79
N HIS C 139 -16.65 -12.78 -45.30
CA HIS C 139 -16.60 -13.28 -46.67
C HIS C 139 -17.57 -14.44 -46.90
N TRP C 140 -17.54 -15.47 -46.05
CA TRP C 140 -18.17 -16.74 -46.34
C TRP C 140 -19.64 -16.76 -45.91
N GLN C 141 -19.96 -15.94 -44.90
CA GLN C 141 -21.33 -15.77 -44.43
C GLN C 141 -21.90 -17.11 -43.95
N PRO C 142 -21.28 -17.77 -42.94
CA PRO C 142 -21.85 -18.99 -42.40
C PRO C 142 -23.21 -18.72 -41.79
N ASP C 143 -24.11 -19.69 -41.90
CA ASP C 143 -25.38 -19.63 -41.23
C ASP C 143 -25.22 -20.01 -39.75
N LEU C 144 -24.17 -20.79 -39.45
CA LEU C 144 -23.97 -21.40 -38.16
C LEU C 144 -22.47 -21.49 -37.89
N VAL C 145 -22.08 -21.17 -36.65
CA VAL C 145 -20.73 -21.39 -36.18
C VAL C 145 -20.80 -22.35 -34.99
N ILE C 146 -20.05 -23.46 -35.08
CA ILE C 146 -19.95 -24.36 -33.94
C ILE C 146 -18.54 -24.26 -33.38
N TRP C 147 -18.45 -23.94 -32.09
CA TRP C 147 -17.18 -23.57 -31.49
C TRP C 147 -16.83 -24.46 -30.31
N ASP C 148 -15.56 -24.85 -30.27
CA ASP C 148 -14.96 -25.45 -29.10
C ASP C 148 -15.17 -24.51 -27.91
N PRO C 149 -15.45 -25.01 -26.68
CA PRO C 149 -15.95 -24.17 -25.61
C PRO C 149 -15.04 -23.06 -25.04
N VAL C 150 -13.74 -23.12 -25.35
CA VAL C 150 -12.83 -22.04 -24.97
C VAL C 150 -12.35 -21.26 -26.20
N THR C 151 -13.01 -21.46 -27.35
CA THR C 151 -12.66 -20.76 -28.59
C THR C 151 -13.65 -19.61 -28.79
N TYR C 152 -13.48 -18.57 -27.96
CA TYR C 152 -14.40 -17.45 -27.90
C TYR C 152 -14.32 -16.59 -29.18
N ALA C 153 -13.26 -16.73 -29.98
CA ALA C 153 -13.21 -16.12 -31.31
C ALA C 153 -14.44 -16.54 -32.13
N GLY C 154 -14.92 -17.77 -31.91
CA GLY C 154 -16.02 -18.34 -32.67
C GLY C 154 -17.31 -17.55 -32.56
N PRO C 155 -17.87 -17.37 -31.34
CA PRO C 155 -19.11 -16.60 -31.19
C PRO C 155 -18.98 -15.12 -31.55
N VAL C 156 -17.77 -14.56 -31.44
CA VAL C 156 -17.54 -13.19 -31.88
C VAL C 156 -17.77 -13.10 -33.39
N ALA C 157 -17.08 -13.96 -34.14
CA ALA C 157 -17.24 -14.04 -35.59
C ALA C 157 -18.70 -14.30 -35.98
N ALA C 158 -19.37 -15.20 -35.26
CA ALA C 158 -20.76 -15.50 -35.54
C ALA C 158 -21.63 -14.25 -35.38
N ARG C 159 -21.45 -13.58 -34.24
CA ARG C 159 -22.30 -12.45 -33.90
C ARG C 159 -22.15 -11.33 -34.91
N VAL C 160 -20.89 -11.10 -35.34
CA VAL C 160 -20.61 -10.06 -36.31
C VAL C 160 -21.44 -10.28 -37.59
N VAL C 161 -21.66 -11.54 -38.00
CA VAL C 161 -22.36 -11.81 -39.26
C VAL C 161 -23.79 -12.30 -39.01
N GLY C 162 -24.26 -12.28 -37.75
CA GLY C 162 -25.61 -12.69 -37.41
C GLY C 162 -25.85 -14.20 -37.48
N ALA C 163 -24.78 -15.01 -37.54
CA ALA C 163 -24.93 -16.45 -37.61
C ALA C 163 -25.45 -16.98 -36.28
N ALA C 164 -26.20 -18.10 -36.34
CA ALA C 164 -26.43 -18.88 -35.13
C ALA C 164 -25.09 -19.45 -34.67
N HIS C 165 -24.97 -19.78 -33.38
CA HIS C 165 -23.74 -20.38 -32.89
C HIS C 165 -23.99 -21.17 -31.61
N ALA C 166 -23.21 -22.25 -31.47
CA ALA C 166 -23.37 -23.18 -30.37
C ALA C 166 -22.00 -23.74 -29.98
N ARG C 167 -21.84 -23.97 -28.68
CA ARG C 167 -20.68 -24.66 -28.17
C ARG C 167 -20.85 -26.14 -28.46
N LEU C 168 -19.72 -26.82 -28.73
CA LEU C 168 -19.67 -28.27 -28.73
C LEU C 168 -18.69 -28.71 -27.64
N LEU C 169 -19.21 -29.42 -26.64
CA LEU C 169 -18.49 -29.70 -25.39
C LEU C 169 -17.80 -31.06 -25.42
N TRP C 170 -16.51 -31.01 -25.09
CA TRP C 170 -15.71 -32.17 -24.69
C TRP C 170 -15.61 -32.22 -23.17
N CYS C 171 -16.15 -31.21 -22.49
CA CYS C 171 -15.80 -30.90 -21.11
C CYS C 171 -17.00 -31.08 -20.19
N ILE C 172 -16.71 -31.54 -18.97
CA ILE C 172 -17.58 -31.23 -17.84
C ILE C 172 -17.62 -29.71 -17.75
N ASP C 173 -18.83 -29.14 -17.69
CA ASP C 173 -19.04 -27.76 -18.11
C ASP C 173 -18.74 -26.78 -16.96
N ILE C 174 -17.50 -26.82 -16.50
CA ILE C 174 -17.02 -25.92 -15.45
C ILE C 174 -17.02 -24.50 -15.96
N TYR C 175 -16.94 -24.29 -17.28
CA TYR C 175 -16.89 -22.96 -17.86
C TYR C 175 -18.23 -22.24 -17.63
N ALA C 176 -19.34 -22.87 -18.03
CA ALA C 176 -20.64 -22.24 -17.89
C ALA C 176 -21.06 -22.23 -16.42
N LYS C 177 -20.59 -23.19 -15.64
CA LYS C 177 -20.93 -23.24 -14.23
C LYS C 177 -20.20 -22.14 -13.46
N MET C 178 -18.91 -21.93 -13.75
CA MET C 178 -18.15 -20.85 -13.14
C MET C 178 -18.76 -19.52 -13.55
N ARG C 179 -19.26 -19.43 -14.79
CA ARG C 179 -19.91 -18.21 -15.25
C ARG C 179 -21.18 -17.93 -14.46
N GLU C 180 -21.94 -18.97 -14.14
CA GLU C 180 -23.14 -18.85 -13.33
C GLU C 180 -22.79 -18.27 -11.95
N VAL C 181 -21.73 -18.82 -11.33
CA VAL C 181 -21.25 -18.32 -10.05
C VAL C 181 -20.86 -16.84 -10.19
N PHE C 182 -20.10 -16.54 -11.25
CA PHE C 182 -19.67 -15.19 -11.52
C PHE C 182 -20.87 -14.24 -11.61
N LEU C 183 -21.92 -14.60 -12.35
CA LEU C 183 -23.05 -13.72 -12.57
C LEU C 183 -23.88 -13.52 -11.30
N ALA C 184 -23.95 -14.57 -10.45
CA ALA C 184 -24.64 -14.47 -9.17
C ALA C 184 -23.95 -13.43 -8.28
N ARG C 185 -22.60 -13.48 -8.24
CA ARG C 185 -21.82 -12.56 -7.42
C ARG C 185 -21.83 -11.16 -8.01
N LEU C 186 -21.80 -11.05 -9.34
CA LEU C 186 -21.85 -9.76 -10.01
C LEU C 186 -23.12 -9.00 -9.60
N ALA C 187 -24.25 -9.73 -9.55
CA ALA C 187 -25.55 -9.15 -9.25
C ALA C 187 -25.61 -8.61 -7.81
N GLU C 188 -24.76 -9.12 -6.91
CA GLU C 188 -24.69 -8.67 -5.53
C GLU C 188 -23.88 -7.40 -5.37
N GLN C 189 -23.19 -6.92 -6.42
CA GLN C 189 -22.28 -5.80 -6.25
C GLN C 189 -23.00 -4.48 -6.56
N PRO C 190 -22.61 -3.37 -5.90
CA PRO C 190 -23.09 -2.05 -6.29
C PRO C 190 -22.59 -1.74 -7.71
N GLU C 191 -23.30 -0.84 -8.38
CA GLU C 191 -23.04 -0.46 -9.76
C GLU C 191 -21.56 -0.11 -9.99
N GLU C 192 -20.95 0.59 -9.02
CA GLU C 192 -19.60 1.11 -9.16
C GLU C 192 -18.57 -0.04 -9.18
N ARG C 193 -18.90 -1.15 -8.52
CA ARG C 193 -17.97 -2.26 -8.32
C ARG C 193 -18.19 -3.35 -9.36
N ARG C 194 -19.12 -3.13 -10.33
CA ARG C 194 -19.36 -4.08 -11.42
C ARG C 194 -18.17 -4.09 -12.38
N GLU C 195 -17.67 -5.29 -12.66
CA GLU C 195 -16.55 -5.48 -13.58
C GLU C 195 -16.65 -6.88 -14.18
N ASP C 196 -16.38 -6.99 -15.48
CA ASP C 196 -16.52 -8.27 -16.18
C ASP C 196 -15.39 -8.37 -17.20
N PRO C 197 -14.30 -9.11 -16.88
CA PRO C 197 -13.16 -9.26 -17.80
C PRO C 197 -13.52 -9.86 -19.16
N MET C 198 -14.57 -10.72 -19.16
CA MET C 198 -15.02 -11.39 -20.36
C MET C 198 -15.74 -10.39 -21.27
N ALA C 199 -16.64 -9.59 -20.66
CA ALA C 199 -17.32 -8.51 -21.36
C ALA C 199 -16.34 -7.44 -21.85
N ASP C 200 -15.35 -7.07 -21.04
CA ASP C 200 -14.36 -6.07 -21.47
C ASP C 200 -13.63 -6.58 -22.72
N TRP C 201 -13.13 -7.81 -22.63
CA TRP C 201 -12.33 -8.39 -23.69
C TRP C 201 -13.16 -8.60 -24.96
N LEU C 202 -14.25 -9.37 -24.84
CA LEU C 202 -15.00 -9.78 -26.03
C LEU C 202 -15.91 -8.64 -26.49
N GLY C 203 -16.47 -7.88 -25.55
CA GLY C 203 -17.26 -6.69 -25.86
C GLY C 203 -16.42 -5.63 -26.55
N GLY C 204 -15.16 -5.47 -26.12
CA GLY C 204 -14.20 -4.61 -26.79
C GLY C 204 -14.04 -4.96 -28.26
N ILE C 205 -13.81 -6.25 -28.53
CA ILE C 205 -13.61 -6.71 -29.90
C ILE C 205 -14.91 -6.54 -30.70
N LEU C 206 -16.04 -6.93 -30.12
CA LEU C 206 -17.32 -6.81 -30.79
C LEU C 206 -17.64 -5.34 -31.11
N GLY C 207 -17.32 -4.44 -30.16
CA GLY C 207 -17.51 -3.01 -30.32
C GLY C 207 -16.81 -2.45 -31.56
N ARG C 208 -15.55 -2.86 -31.78
CA ARG C 208 -14.80 -2.46 -32.97
C ARG C 208 -15.51 -2.84 -34.27
N TYR C 209 -16.41 -3.84 -34.27
CA TYR C 209 -17.15 -4.20 -35.47
C TYR C 209 -18.59 -3.71 -35.39
N GLY C 210 -18.88 -2.88 -34.40
CA GLY C 210 -20.18 -2.26 -34.26
C GLY C 210 -21.22 -3.18 -33.64
N HIS C 211 -20.79 -4.15 -32.83
CA HIS C 211 -21.74 -5.07 -32.22
C HIS C 211 -21.60 -5.01 -30.70
N THR C 212 -22.68 -5.42 -30.04
CA THR C 212 -22.80 -5.40 -28.60
C THR C 212 -22.24 -6.70 -28.02
N PHE C 213 -21.84 -6.69 -26.74
CA PHE C 213 -21.62 -7.93 -26.02
C PHE C 213 -22.98 -8.45 -25.56
N ASP C 214 -23.10 -9.78 -25.49
CA ASP C 214 -24.23 -10.44 -24.86
C ASP C 214 -23.71 -11.72 -24.23
N GLU C 215 -24.42 -12.19 -23.20
CA GLU C 215 -24.02 -13.36 -22.43
C GLU C 215 -23.95 -14.60 -23.34
N GLU C 216 -24.65 -14.57 -24.49
CA GLU C 216 -24.67 -15.77 -25.32
C GLU C 216 -23.31 -15.98 -25.99
N VAL C 217 -22.42 -14.98 -26.01
CA VAL C 217 -21.09 -15.20 -26.58
C VAL C 217 -20.21 -15.94 -25.58
N VAL C 218 -20.67 -16.11 -24.34
CA VAL C 218 -19.90 -16.81 -23.33
C VAL C 218 -20.31 -18.29 -23.27
N VAL C 219 -21.59 -18.61 -23.53
CA VAL C 219 -22.09 -19.97 -23.39
C VAL C 219 -22.77 -20.50 -24.66
N GLY C 220 -22.78 -19.69 -25.74
CA GLY C 220 -23.44 -20.06 -26.98
C GLY C 220 -24.95 -19.83 -26.91
N GLN C 221 -25.60 -19.81 -28.06
CA GLN C 221 -27.06 -19.75 -28.12
C GLN C 221 -27.63 -21.09 -27.66
N TRP C 222 -26.92 -22.18 -27.95
CA TRP C 222 -27.17 -23.44 -27.30
C TRP C 222 -25.85 -24.20 -27.17
N THR C 223 -25.90 -25.29 -26.40
CA THR C 223 -24.75 -26.09 -26.04
C THR C 223 -25.02 -27.52 -26.53
N ILE C 224 -24.18 -28.02 -27.43
CA ILE C 224 -24.19 -29.41 -27.85
C ILE C 224 -23.18 -30.15 -26.97
N ASP C 225 -23.66 -31.14 -26.23
CA ASP C 225 -22.90 -31.69 -25.11
C ASP C 225 -22.65 -33.18 -25.30
N GLN C 226 -21.38 -33.56 -25.33
CA GLN C 226 -20.94 -34.94 -25.53
C GLN C 226 -20.73 -35.66 -24.19
N ILE C 227 -20.94 -34.96 -23.07
CA ILE C 227 -20.87 -35.58 -21.75
C ILE C 227 -22.24 -36.18 -21.43
N PRO C 228 -22.32 -37.46 -21.03
CA PRO C 228 -23.59 -38.04 -20.57
C PRO C 228 -24.20 -37.19 -19.45
N THR C 229 -25.52 -36.96 -19.55
CA THR C 229 -26.23 -36.08 -18.64
C THR C 229 -25.94 -36.38 -17.18
N SER C 230 -25.87 -37.66 -16.79
CA SER C 230 -25.69 -38.06 -15.41
C SER C 230 -24.36 -37.57 -14.86
N LEU C 231 -23.37 -37.29 -15.71
CA LEU C 231 -22.05 -36.90 -15.24
C LEU C 231 -21.79 -35.40 -15.45
N GLN C 232 -22.78 -34.68 -15.99
CA GLN C 232 -22.60 -33.28 -16.34
C GLN C 232 -23.22 -32.41 -15.24
N LEU C 233 -22.67 -31.19 -15.07
CA LEU C 233 -23.20 -30.22 -14.14
C LEU C 233 -24.50 -29.62 -14.70
N PRO C 234 -25.59 -29.58 -13.90
CA PRO C 234 -26.84 -28.98 -14.34
C PRO C 234 -26.72 -27.45 -14.45
N LEU C 235 -27.27 -26.89 -15.53
CA LEU C 235 -27.08 -25.50 -15.90
C LEU C 235 -28.35 -24.96 -16.54
N SER C 236 -28.50 -23.64 -16.58
CA SER C 236 -29.58 -22.97 -17.28
C SER C 236 -29.11 -22.59 -18.67
N LEU C 237 -29.18 -23.57 -19.56
CA LEU C 237 -28.71 -23.42 -20.93
C LEU C 237 -29.74 -24.12 -21.83
N ARG C 238 -29.80 -23.79 -23.13
CA ARG C 238 -30.38 -24.73 -24.09
C ARG C 238 -29.34 -25.82 -24.36
N ARG C 239 -29.61 -27.06 -23.89
CA ARG C 239 -28.63 -28.12 -23.91
C ARG C 239 -29.11 -29.23 -24.85
N VAL C 240 -28.28 -29.58 -25.84
CA VAL C 240 -28.57 -30.65 -26.77
C VAL C 240 -27.56 -31.76 -26.50
N PRO C 241 -27.92 -32.84 -25.77
CA PRO C 241 -27.01 -33.97 -25.59
C PRO C 241 -26.81 -34.69 -26.92
N VAL C 242 -25.58 -35.13 -27.14
CA VAL C 242 -25.23 -35.88 -28.33
C VAL C 242 -24.24 -36.97 -27.91
N ARG C 243 -24.32 -38.14 -28.58
CA ARG C 243 -23.47 -39.25 -28.22
C ARG C 243 -22.03 -38.97 -28.63
N TYR C 244 -21.09 -39.23 -27.71
CA TYR C 244 -19.68 -39.21 -28.06
C TYR C 244 -19.38 -40.40 -28.96
N LEU C 245 -18.75 -40.11 -30.12
CA LEU C 245 -18.25 -41.11 -31.05
C LEU C 245 -16.74 -40.92 -31.09
N PRO C 246 -15.92 -41.96 -30.78
CA PRO C 246 -14.47 -41.80 -30.76
C PRO C 246 -13.90 -41.33 -32.09
N HIS C 247 -13.09 -40.28 -32.04
CA HIS C 247 -12.14 -39.99 -33.11
C HIS C 247 -10.85 -39.53 -32.44
N ASN C 248 -9.78 -40.29 -32.69
CA ASN C 248 -8.52 -40.16 -32.00
C ASN C 248 -7.43 -39.73 -32.98
N GLY C 249 -7.85 -39.24 -34.16
CA GLY C 249 -6.92 -38.84 -35.19
C GLY C 249 -6.70 -39.95 -36.19
N PRO C 250 -5.84 -39.73 -37.21
CA PRO C 250 -5.61 -40.71 -38.27
C PRO C 250 -5.25 -42.08 -37.73
N SER C 251 -5.96 -43.11 -38.20
CA SER C 251 -5.81 -44.44 -37.64
C SER C 251 -5.89 -45.50 -38.72
N GLU C 252 -5.17 -46.60 -38.47
CA GLU C 252 -5.32 -47.84 -39.23
C GLU C 252 -5.29 -49.03 -38.26
N ILE C 253 -6.02 -50.10 -38.61
CA ILE C 253 -5.99 -51.34 -37.85
C ILE C 253 -4.80 -52.17 -38.33
N PRO C 254 -3.80 -52.50 -37.47
CA PRO C 254 -2.71 -53.38 -37.87
C PRO C 254 -3.12 -54.85 -37.71
N ASP C 255 -2.34 -55.76 -38.32
CA ASP C 255 -2.56 -57.20 -38.24
C ASP C 255 -2.47 -57.72 -36.81
N TRP C 256 -1.54 -57.18 -36.01
CA TRP C 256 -1.25 -57.71 -34.69
C TRP C 256 -2.37 -57.42 -33.68
N LEU C 257 -3.29 -56.52 -34.03
CA LEU C 257 -4.33 -56.10 -33.09
C LEU C 257 -5.33 -57.25 -32.88
N ARG C 258 -5.48 -58.10 -33.90
CA ARG C 258 -6.63 -58.99 -34.03
C ARG C 258 -6.59 -60.03 -32.91
N GLU C 259 -5.37 -60.43 -32.48
CA GLU C 259 -5.16 -61.53 -31.55
C GLU C 259 -5.31 -61.06 -30.10
N ALA C 260 -6.53 -61.20 -29.53
CA ALA C 260 -6.89 -60.81 -28.17
C ALA C 260 -5.85 -61.29 -27.14
N PRO C 261 -5.78 -60.68 -25.92
CA PRO C 261 -4.56 -60.70 -25.11
C PRO C 261 -4.37 -61.81 -24.07
N GLY C 262 -3.11 -61.99 -23.64
CA GLY C 262 -2.68 -63.07 -22.76
C GLY C 262 -3.32 -63.02 -21.38
N ARG C 263 -3.44 -61.81 -20.79
CA ARG C 263 -4.08 -61.63 -19.49
C ARG C 263 -4.98 -60.41 -19.60
N PRO C 264 -5.68 -59.96 -18.54
CA PRO C 264 -6.24 -58.60 -18.49
C PRO C 264 -5.32 -57.54 -19.12
N ARG C 265 -5.87 -56.79 -20.10
CA ARG C 265 -5.11 -55.77 -20.80
C ARG C 265 -5.27 -54.44 -20.08
N VAL C 266 -4.14 -53.78 -19.83
CA VAL C 266 -4.08 -52.44 -19.26
C VAL C 266 -3.41 -51.52 -20.28
N VAL C 267 -4.10 -50.43 -20.62
CA VAL C 267 -3.59 -49.47 -21.61
C VAL C 267 -3.25 -48.17 -20.89
N LEU C 268 -2.11 -47.59 -21.27
CA LEU C 268 -1.56 -46.40 -20.66
C LEU C 268 -1.24 -45.40 -21.77
N THR C 269 -1.86 -44.21 -21.72
CA THR C 269 -1.51 -43.10 -22.61
C THR C 269 -0.95 -41.93 -21.81
N SER C 270 0.17 -41.32 -22.22
CA SER C 270 0.52 -40.02 -21.71
C SER C 270 -0.48 -39.03 -22.30
N GLY C 271 -1.13 -39.37 -23.43
CA GLY C 271 -2.33 -38.71 -23.94
C GLY C 271 -2.08 -37.36 -24.63
N VAL C 272 -2.03 -37.34 -25.98
CA VAL C 272 -1.52 -36.22 -26.78
C VAL C 272 -0.43 -35.49 -26.00
N SER C 273 0.46 -36.29 -25.39
CA SER C 273 1.41 -35.95 -24.34
C SER C 273 1.40 -34.48 -23.89
N ALA C 274 0.60 -34.19 -22.84
CA ALA C 274 0.71 -32.98 -22.03
C ALA C 274 1.86 -33.17 -21.02
N MET C 283 5.57 -38.67 -10.44
CA MET C 283 6.14 -40.04 -10.63
C MET C 283 6.55 -40.21 -12.10
N PRO C 284 7.84 -40.49 -12.42
CA PRO C 284 8.26 -40.65 -13.81
C PRO C 284 7.70 -41.88 -14.53
N VAL C 285 7.70 -41.73 -15.87
CA VAL C 285 7.22 -42.71 -16.83
C VAL C 285 7.88 -44.07 -16.59
N ALA C 286 9.21 -44.04 -16.38
CA ALA C 286 10.00 -45.25 -16.25
C ALA C 286 9.57 -46.03 -15.01
N ASP C 287 9.22 -45.32 -13.93
CA ASP C 287 8.77 -45.94 -12.69
C ASP C 287 7.40 -46.60 -12.90
N MET C 288 6.55 -45.99 -13.74
CA MET C 288 5.22 -46.51 -13.98
C MET C 288 5.28 -47.81 -14.78
N ILE C 289 6.16 -47.81 -15.81
CA ILE C 289 6.35 -48.97 -16.68
C ILE C 289 6.87 -50.14 -15.86
N ASN C 290 7.83 -49.88 -14.95
CA ASN C 290 8.44 -50.93 -14.14
C ASN C 290 7.42 -51.56 -13.20
N THR C 291 6.57 -50.74 -12.58
CA THR C 291 5.51 -51.23 -11.73
C THR C 291 4.57 -52.15 -12.53
N LEU C 292 4.11 -51.65 -13.69
CA LEU C 292 3.15 -52.37 -14.51
C LEU C 292 3.80 -53.63 -15.08
N GLY C 293 5.13 -53.56 -15.32
CA GLY C 293 5.91 -54.68 -15.80
C GLY C 293 5.92 -55.88 -14.84
N SER C 294 5.71 -55.63 -13.55
CA SER C 294 5.77 -56.70 -12.55
C SER C 294 4.40 -57.33 -12.32
N MET C 295 3.36 -56.92 -13.07
CA MET C 295 2.00 -57.30 -12.72
C MET C 295 1.50 -58.36 -13.70
N ASP C 296 0.46 -59.11 -13.28
CA ASP C 296 -0.07 -60.23 -14.05
C ASP C 296 -1.08 -59.73 -15.06
N ILE C 297 -0.58 -58.95 -16.04
CA ILE C 297 -1.39 -58.27 -17.03
C ILE C 297 -0.60 -58.17 -18.34
N ASP C 298 -1.33 -57.81 -19.41
CA ASP C 298 -0.74 -57.32 -20.66
C ASP C 298 -0.84 -55.80 -20.66
N VAL C 299 0.26 -55.14 -21.04
CA VAL C 299 0.32 -53.68 -21.01
C VAL C 299 0.59 -53.19 -22.43
N VAL C 300 -0.22 -52.22 -22.89
CA VAL C 300 0.06 -51.47 -24.10
C VAL C 300 0.22 -49.99 -23.72
N ALA C 301 1.40 -49.43 -24.03
CA ALA C 301 1.72 -48.07 -23.65
C ALA C 301 1.93 -47.25 -24.93
N ALA C 302 1.04 -46.28 -25.14
CA ALA C 302 1.16 -45.29 -26.21
C ALA C 302 1.97 -44.10 -25.68
N LEU C 303 3.23 -44.02 -26.15
CA LEU C 303 4.21 -43.08 -25.62
C LEU C 303 4.86 -42.33 -26.80
N PRO C 304 5.17 -41.03 -26.58
CA PRO C 304 5.56 -40.12 -27.65
C PRO C 304 7.06 -40.10 -27.93
N PRO C 305 7.49 -39.66 -29.15
CA PRO C 305 8.89 -39.28 -29.37
C PRO C 305 9.51 -38.58 -28.13
N VAL C 314 12.49 -52.87 -21.61
CA VAL C 314 11.05 -53.10 -21.96
C VAL C 314 10.58 -54.33 -21.21
N PRO C 315 9.69 -54.25 -20.19
CA PRO C 315 9.17 -55.47 -19.55
C PRO C 315 8.62 -56.50 -20.52
N ALA C 316 8.56 -57.75 -20.06
CA ALA C 316 8.09 -58.85 -20.90
C ALA C 316 6.61 -58.67 -21.27
N ASN C 317 5.84 -58.09 -20.34
CA ASN C 317 4.39 -58.00 -20.51
C ASN C 317 3.97 -56.72 -21.24
N THR C 318 4.94 -55.94 -21.73
CA THR C 318 4.69 -54.56 -22.14
C THR C 318 5.01 -54.37 -23.63
N ARG C 319 4.04 -53.83 -24.36
CA ARG C 319 4.20 -53.41 -25.74
C ARG C 319 4.14 -51.89 -25.78
N ILE C 320 5.05 -51.29 -26.56
CA ILE C 320 5.13 -49.85 -26.72
C ILE C 320 4.78 -49.48 -28.16
N VAL C 321 4.00 -48.41 -28.31
CA VAL C 321 3.55 -47.89 -29.59
C VAL C 321 3.64 -46.35 -29.52
N ASP C 322 3.92 -45.71 -30.68
CA ASP C 322 3.75 -44.28 -30.85
C ASP C 322 2.28 -43.98 -31.05
N PHE C 323 1.79 -44.55 -32.14
CA PHE C 323 0.43 -44.30 -32.59
C PHE C 323 -0.34 -45.60 -32.41
N VAL C 324 -1.54 -45.55 -31.83
CA VAL C 324 -2.45 -46.68 -31.86
C VAL C 324 -3.86 -46.12 -31.97
N PRO C 325 -4.73 -46.74 -32.80
CA PRO C 325 -6.16 -46.43 -32.82
C PRO C 325 -6.79 -46.90 -31.52
N LEU C 326 -6.92 -45.94 -30.62
CA LEU C 326 -7.40 -46.16 -29.26
C LEU C 326 -8.77 -46.84 -29.28
N HIS C 327 -9.67 -46.45 -30.21
CA HIS C 327 -11.00 -47.02 -30.29
C HIS C 327 -10.94 -48.52 -30.63
N ALA C 328 -9.97 -48.91 -31.45
CA ALA C 328 -9.77 -50.31 -31.82
C ALA C 328 -9.05 -51.07 -30.71
N LEU C 329 -8.19 -50.38 -29.96
CA LEU C 329 -7.42 -50.99 -28.88
C LEU C 329 -8.25 -51.27 -27.63
N LEU C 330 -9.22 -50.40 -27.29
CA LEU C 330 -9.85 -50.48 -25.98
C LEU C 330 -10.92 -51.57 -25.88
N PRO C 331 -11.57 -52.06 -26.96
CA PRO C 331 -12.50 -53.18 -26.81
C PRO C 331 -11.85 -54.36 -26.09
N GLY C 332 -12.50 -54.86 -25.03
CA GLY C 332 -11.98 -55.98 -24.27
C GLY C 332 -10.89 -55.61 -23.25
N ALA C 333 -10.26 -54.44 -23.36
CA ALA C 333 -9.26 -54.01 -22.39
C ALA C 333 -9.93 -53.84 -21.02
N SER C 334 -9.12 -53.94 -19.96
CA SER C 334 -9.65 -53.93 -18.60
C SER C 334 -9.48 -52.55 -17.95
N LEU C 336 -7.96 -48.41 -18.56
CA LEU C 336 -7.22 -47.34 -19.27
C LEU C 336 -6.68 -46.37 -18.22
N ILE C 337 -5.37 -46.11 -18.30
CA ILE C 337 -4.68 -45.14 -17.45
C ILE C 337 -4.37 -43.90 -18.28
N HIS C 338 -4.84 -42.73 -17.84
CA HIS C 338 -4.64 -41.49 -18.59
C HIS C 338 -4.84 -40.28 -17.69
N HIS C 339 -4.56 -39.08 -18.24
CA HIS C 339 -4.52 -37.82 -17.50
C HIS C 339 -5.87 -37.09 -17.49
N GLY C 340 -6.89 -37.62 -18.20
CA GLY C 340 -8.25 -37.09 -18.14
C GLY C 340 -8.69 -36.34 -19.40
N GLY C 341 -7.85 -36.38 -20.46
CA GLY C 341 -8.22 -35.89 -21.77
C GLY C 341 -9.47 -36.60 -22.31
N PHE C 342 -10.25 -35.90 -23.14
CA PHE C 342 -11.57 -36.39 -23.52
C PHE C 342 -11.48 -37.56 -24.49
N GLY C 343 -10.50 -37.58 -25.38
CA GLY C 343 -10.34 -38.68 -26.32
C GLY C 343 -10.24 -40.03 -25.62
N SER C 344 -9.35 -40.08 -24.62
CA SER C 344 -9.16 -41.26 -23.77
C SER C 344 -10.41 -41.54 -22.94
N TRP C 345 -10.88 -40.52 -22.23
CA TRP C 345 -12.02 -40.64 -21.33
C TRP C 345 -13.24 -41.16 -22.08
N GLY C 346 -13.54 -40.53 -23.22
CA GLY C 346 -14.72 -40.86 -23.99
C GLY C 346 -14.61 -42.21 -24.66
N THR C 347 -13.41 -42.56 -25.15
CA THR C 347 -13.23 -43.82 -25.86
C THR C 347 -13.30 -44.99 -24.87
N ALA C 348 -12.71 -44.83 -23.68
CA ALA C 348 -12.86 -45.82 -22.61
C ALA C 348 -14.33 -45.92 -22.21
N LEU C 349 -15.02 -44.77 -22.13
CA LEU C 349 -16.40 -44.78 -21.70
C LEU C 349 -17.27 -45.59 -22.67
N VAL C 350 -17.10 -45.42 -23.98
CA VAL C 350 -17.97 -46.08 -24.93
C VAL C 350 -17.62 -47.57 -25.00
N ASN C 351 -16.43 -47.95 -24.52
CA ASN C 351 -16.03 -49.35 -24.52
C ASN C 351 -16.28 -50.00 -23.14
N GLY C 352 -16.83 -49.24 -22.18
CA GLY C 352 -17.12 -49.77 -20.86
C GLY C 352 -15.88 -50.12 -20.05
N VAL C 353 -14.74 -49.49 -20.34
CA VAL C 353 -13.48 -49.80 -19.68
C VAL C 353 -13.31 -48.89 -18.45
N PRO C 354 -13.13 -49.48 -17.25
CA PRO C 354 -12.73 -48.72 -16.05
C PRO C 354 -11.45 -47.91 -16.29
N GLN C 355 -11.45 -46.71 -15.71
CA GLN C 355 -10.39 -45.75 -15.94
C GLN C 355 -9.67 -45.46 -14.62
N PHE C 356 -8.35 -45.35 -14.71
CA PHE C 356 -7.53 -44.82 -13.64
C PHE C 356 -6.89 -43.53 -14.11
N ILE C 357 -7.20 -42.44 -13.41
CA ILE C 357 -6.86 -41.09 -13.85
C ILE C 357 -6.02 -40.42 -12.76
N PRO C 358 -4.68 -40.54 -12.83
CA PRO C 358 -3.79 -39.73 -12.02
C PRO C 358 -3.54 -38.39 -12.71
N THR C 359 -4.04 -37.30 -12.11
CA THR C 359 -4.12 -36.05 -12.85
C THR C 359 -4.06 -34.86 -11.88
N ILE C 360 -4.16 -33.67 -12.47
CA ILE C 360 -4.10 -32.39 -11.77
C ILE C 360 -5.38 -31.60 -12.02
N ARG C 361 -5.61 -30.55 -11.24
CA ARG C 361 -6.73 -29.64 -11.43
C ARG C 361 -6.39 -28.63 -12.52
N TYR C 362 -6.35 -29.16 -13.75
CA TYR C 362 -6.18 -28.37 -14.96
C TYR C 362 -7.35 -28.67 -15.89
N ALA C 363 -7.85 -27.64 -16.57
CA ALA C 363 -9.09 -27.76 -17.35
C ALA C 363 -10.11 -28.55 -16.54
N ASP C 364 -10.75 -29.56 -17.14
CA ASP C 364 -11.75 -30.36 -16.46
C ASP C 364 -11.20 -31.74 -16.10
N TRP C 365 -9.87 -31.90 -16.15
CA TRP C 365 -9.28 -33.22 -16.00
C TRP C 365 -9.66 -33.85 -14.66
N TRP C 366 -9.64 -33.03 -13.61
CA TRP C 366 -9.92 -33.52 -12.26
C TRP C 366 -11.38 -33.95 -12.18
N ASN C 367 -12.27 -33.17 -12.80
CA ASN C 367 -13.69 -33.47 -12.84
C ASN C 367 -13.95 -34.75 -13.64
N LYS C 368 -13.15 -34.97 -14.68
CA LYS C 368 -13.25 -36.19 -15.48
C LYS C 368 -12.97 -37.39 -14.57
N GLY C 369 -11.92 -37.27 -13.75
CA GLY C 369 -11.57 -38.31 -12.77
C GLY C 369 -12.63 -38.47 -11.66
N THR C 370 -13.02 -37.36 -11.03
CA THR C 370 -13.89 -37.42 -9.87
C THR C 370 -15.30 -37.88 -10.29
N SER C 371 -15.78 -37.47 -11.48
CA SER C 371 -17.10 -37.89 -11.94
C SER C 371 -17.18 -39.41 -11.99
N LEU C 372 -16.13 -40.07 -12.53
CA LEU C 372 -16.10 -41.52 -12.62
C LEU C 372 -15.94 -42.14 -11.23
N HIS C 373 -15.06 -41.56 -10.41
CA HIS C 373 -14.82 -42.02 -9.06
C HIS C 373 -16.13 -42.07 -8.26
N GLU C 374 -16.89 -40.96 -8.24
CA GLU C 374 -18.15 -40.88 -7.50
C GLU C 374 -19.17 -41.88 -8.05
N ALA C 375 -19.12 -42.20 -9.35
CA ALA C 375 -20.05 -43.12 -9.96
C ALA C 375 -19.63 -44.57 -9.70
N GLY C 376 -18.42 -44.77 -9.18
CA GLY C 376 -17.88 -46.10 -8.92
C GLY C 376 -17.36 -46.81 -10.17
N ALA C 377 -17.11 -46.04 -11.25
CA ALA C 377 -16.72 -46.60 -12.54
C ALA C 377 -15.21 -46.55 -12.77
N GLY C 378 -14.50 -45.77 -11.95
CA GLY C 378 -13.05 -45.70 -12.04
C GLY C 378 -12.46 -45.07 -10.78
N LEU C 379 -11.16 -44.73 -10.86
CA LEU C 379 -10.43 -44.15 -9.74
C LEU C 379 -9.67 -42.92 -10.22
N VAL C 380 -9.71 -41.85 -9.40
CA VAL C 380 -8.89 -40.67 -9.59
C VAL C 380 -7.92 -40.55 -8.41
N VAL C 381 -6.71 -40.06 -8.71
CA VAL C 381 -5.76 -39.68 -7.68
C VAL C 381 -4.99 -38.46 -8.19
N HIS C 382 -4.53 -37.59 -7.28
CA HIS C 382 -3.69 -36.47 -7.68
C HIS C 382 -2.35 -37.02 -8.16
N ALA C 383 -1.85 -36.48 -9.27
CA ALA C 383 -0.63 -36.95 -9.91
C ALA C 383 0.55 -36.95 -8.94
N SER C 384 0.57 -35.97 -8.02
CA SER C 384 1.67 -35.78 -7.10
C SER C 384 1.70 -36.90 -6.07
N GLU C 385 0.56 -37.56 -5.83
CA GLU C 385 0.47 -38.64 -4.86
C GLU C 385 0.67 -40.01 -5.50
N LEU C 386 1.06 -40.06 -6.78
CA LEU C 386 1.17 -41.36 -7.44
C LEU C 386 2.52 -41.99 -7.11
N THR C 387 2.44 -43.19 -6.54
CA THR C 387 3.58 -44.03 -6.20
C THR C 387 3.42 -45.40 -6.86
N ALA C 388 4.49 -46.20 -6.86
CA ALA C 388 4.41 -47.58 -7.35
C ALA C 388 3.32 -48.35 -6.60
N GLU C 389 3.19 -48.09 -5.29
CA GLU C 389 2.22 -48.81 -4.47
C GLU C 389 0.79 -48.42 -4.82
N VAL C 390 0.55 -47.11 -5.02
CA VAL C 390 -0.77 -46.60 -5.37
C VAL C 390 -1.16 -47.08 -6.76
N LEU C 391 -0.23 -46.99 -7.73
CA LEU C 391 -0.45 -47.46 -9.08
C LEU C 391 -0.86 -48.92 -9.08
N ARG C 392 -0.07 -49.78 -8.43
CA ARG C 392 -0.30 -51.22 -8.37
C ARG C 392 -1.66 -51.49 -7.72
N GLU C 393 -1.92 -50.85 -6.58
CA GLU C 393 -3.12 -51.16 -5.81
C GLU C 393 -4.37 -50.72 -6.58
N SER C 394 -4.30 -49.56 -7.23
CA SER C 394 -5.43 -49.00 -7.97
C SER C 394 -5.79 -49.91 -9.15
N VAL C 395 -4.76 -50.31 -9.92
CA VAL C 395 -4.96 -51.20 -11.06
C VAL C 395 -5.58 -52.51 -10.58
N GLU C 396 -5.02 -53.10 -9.52
CA GLU C 396 -5.52 -54.36 -8.98
C GLU C 396 -7.00 -54.24 -8.64
N ARG C 397 -7.37 -53.11 -8.01
CA ARG C 397 -8.74 -52.90 -7.56
C ARG C 397 -9.69 -52.82 -8.76
N LEU C 398 -9.26 -52.13 -9.83
CA LEU C 398 -10.11 -51.94 -11.01
C LEU C 398 -10.26 -53.24 -11.79
N VAL C 399 -9.22 -54.10 -11.73
CA VAL C 399 -9.26 -55.41 -12.36
C VAL C 399 -10.13 -56.37 -11.53
N GLU C 400 -9.92 -56.43 -10.22
CA GLU C 400 -10.43 -57.51 -9.39
C GLU C 400 -11.86 -57.20 -8.91
N ASP C 401 -12.12 -55.96 -8.49
CA ASP C 401 -13.44 -55.58 -8.03
C ASP C 401 -14.35 -55.32 -9.23
N ALA C 402 -15.36 -56.19 -9.37
CA ALA C 402 -16.24 -56.22 -10.54
C ALA C 402 -17.21 -55.04 -10.55
N SER C 403 -17.32 -54.32 -9.43
CA SER C 403 -18.24 -53.20 -9.32
C SER C 403 -17.83 -52.05 -10.24
N TYR C 404 -16.52 -51.96 -10.54
CA TYR C 404 -15.97 -50.96 -11.45
C TYR C 404 -16.45 -51.22 -12.87
N ARG C 405 -16.22 -52.42 -13.41
CA ARG C 405 -16.73 -52.77 -14.73
C ARG C 405 -18.24 -52.59 -14.81
N GLU C 406 -18.98 -52.90 -13.73
CA GLU C 406 -20.44 -52.82 -13.78
C GLU C 406 -20.88 -51.36 -13.89
N ALA C 407 -20.24 -50.46 -13.12
CA ALA C 407 -20.54 -49.04 -13.17
C ALA C 407 -20.13 -48.45 -14.52
N ALA C 408 -18.96 -48.85 -15.05
CA ALA C 408 -18.50 -48.43 -16.37
C ALA C 408 -19.50 -48.83 -17.45
N GLU C 409 -20.08 -50.03 -17.27
CA GLU C 409 -21.00 -50.59 -18.25
C GLU C 409 -22.29 -49.78 -18.25
N ARG C 410 -22.72 -49.32 -17.07
CA ARG C 410 -23.90 -48.47 -16.97
C ARG C 410 -23.69 -47.16 -17.75
N LEU C 411 -22.50 -46.57 -17.66
CA LEU C 411 -22.19 -45.33 -18.36
C LEU C 411 -22.12 -45.58 -19.87
N ARG C 412 -21.52 -46.71 -20.27
CA ARG C 412 -21.52 -47.13 -21.65
C ARG C 412 -22.95 -47.14 -22.19
N GLU C 413 -23.88 -47.72 -21.43
CA GLU C 413 -25.26 -47.84 -21.86
C GLU C 413 -25.93 -46.48 -21.93
N GLU C 414 -25.56 -45.57 -21.00
CA GLU C 414 -26.10 -44.22 -21.02
C GLU C 414 -25.68 -43.51 -22.30
N ASN C 415 -24.39 -43.60 -22.66
CA ASN C 415 -23.87 -43.04 -23.90
C ASN C 415 -24.66 -43.58 -25.10
N GLN C 416 -24.87 -44.90 -25.08
CA GLN C 416 -25.49 -45.63 -26.17
C GLN C 416 -26.96 -45.23 -26.35
N ARG C 417 -27.61 -44.74 -25.28
CA ARG C 417 -28.98 -44.25 -25.40
C ARG C 417 -29.03 -42.81 -25.89
N THR C 418 -27.89 -42.10 -25.90
CA THR C 418 -27.89 -40.72 -26.33
C THR C 418 -28.05 -40.68 -27.84
N PRO C 419 -28.87 -39.74 -28.39
CA PRO C 419 -28.93 -39.52 -29.83
C PRO C 419 -27.55 -39.28 -30.44
N THR C 420 -27.33 -39.85 -31.62
CA THR C 420 -26.09 -39.71 -32.35
C THR C 420 -26.01 -38.33 -32.97
N PRO C 421 -24.80 -37.91 -33.41
CA PRO C 421 -24.67 -36.76 -34.32
C PRO C 421 -25.70 -36.75 -35.44
N HIS C 422 -25.86 -37.90 -36.10
CA HIS C 422 -26.89 -38.10 -37.11
C HIS C 422 -28.25 -37.63 -36.59
N ASP C 423 -28.66 -38.13 -35.42
CA ASP C 423 -29.98 -37.84 -34.88
C ASP C 423 -30.14 -36.36 -34.53
N VAL C 424 -29.07 -35.66 -34.13
CA VAL C 424 -29.24 -34.28 -33.70
C VAL C 424 -29.12 -33.31 -34.88
N VAL C 425 -28.77 -33.79 -36.08
CA VAL C 425 -28.68 -32.89 -37.23
C VAL C 425 -29.94 -32.05 -37.39
N PRO C 426 -31.17 -32.61 -37.44
CA PRO C 426 -32.38 -31.80 -37.59
C PRO C 426 -32.61 -30.78 -36.47
N VAL C 427 -32.25 -31.14 -35.23
CA VAL C 427 -32.32 -30.24 -34.09
C VAL C 427 -31.44 -29.02 -34.34
N ILE C 428 -30.22 -29.26 -34.82
CA ILE C 428 -29.27 -28.20 -35.10
C ILE C 428 -29.78 -27.32 -36.25
N GLU C 429 -30.42 -27.93 -37.26
CA GLU C 429 -31.02 -27.20 -38.38
C GLU C 429 -32.10 -26.25 -37.86
N GLU C 430 -33.00 -26.77 -37.01
CA GLU C 430 -34.11 -25.98 -36.48
C GLU C 430 -33.60 -24.85 -35.60
N LEU C 431 -32.63 -25.14 -34.74
CA LEU C 431 -32.08 -24.13 -33.84
C LEU C 431 -31.38 -23.04 -34.65
N THR C 432 -30.76 -23.41 -35.78
CA THR C 432 -30.09 -22.44 -36.63
C THR C 432 -31.11 -21.49 -37.26
N ALA C 433 -32.23 -22.04 -37.74
CA ALA C 433 -33.31 -21.25 -38.31
C ALA C 433 -33.85 -20.28 -37.27
N GLU C 434 -34.09 -20.79 -36.06
CA GLU C 434 -34.66 -20.02 -34.96
C GLU C 434 -33.74 -18.87 -34.55
N HIS C 435 -32.42 -19.11 -34.43
CA HIS C 435 -31.55 -18.18 -33.74
C HIS C 435 -30.68 -17.39 -34.71
N GLY C 436 -30.62 -17.80 -35.98
CA GLY C 436 -29.73 -17.13 -36.91
C GLY C 436 -30.47 -15.96 -37.59
N ARG C 437 -29.86 -15.44 -38.65
CA ARG C 437 -30.45 -14.41 -39.50
C ARG C 437 -31.92 -14.72 -39.84
C1 PGR D . 9.99 -0.28 -2.32
C2 PGR D . 10.42 0.67 -1.22
C3 PGR D . 9.28 1.49 -0.70
O1 PGR D . 9.47 -1.52 -1.83
O2 PGR D . 11.04 -0.08 -0.15
C1 PGR E . 5.77 -2.59 -6.79
C2 PGR E . 4.92 -3.70 -7.37
C3 PGR E . 3.50 -3.42 -7.04
O1 PGR E . 7.12 -2.71 -7.24
O2 PGR E . 5.11 -3.85 -8.80
C1 PGR F . 13.04 -0.27 3.42
C2 PGR F . 12.19 -1.42 3.95
C3 PGR F . 11.46 -1.06 5.23
O1 PGR F . 12.26 0.66 2.68
O2 PGR F . 11.24 -1.89 2.97
C1 PGR G . 4.94 28.97 36.55
C2 PGR G . 4.56 30.26 35.82
C3 PGR G . 3.18 30.76 36.18
O1 PGR G . 4.87 27.80 35.72
O2 PGR G . 5.50 31.27 36.15
C1 PGR H . 0.33 26.26 27.97
C2 PGR H . -0.08 25.55 26.69
C3 PGR H . 1.10 24.90 26.01
O1 PGR H . 0.14 25.42 29.11
O2 PGR H . -1.07 24.55 27.01
C1 PGR I . -2.99 22.23 24.04
C2 PGR I . -4.08 22.17 25.10
C3 PGR I . -3.50 22.45 26.46
O1 PGR I . -2.18 23.39 24.20
O2 PGR I . -5.13 23.08 24.73
C1 PGR J . -6.28 -37.93 -25.65
C2 PGR J . -5.81 -37.18 -24.42
C3 PGR J . -6.27 -35.75 -24.45
O1 PGR J . -7.57 -37.50 -26.07
O2 PGR J . -6.26 -37.88 -23.24
#